data_7T14
#
_entry.id   7T14
#
_cell.length_a   153.102
_cell.length_b   153.102
_cell.length_c   62.540
_cell.angle_alpha   90.000
_cell.angle_beta   90.000
_cell.angle_gamma   120.000
#
_symmetry.space_group_name_H-M   'P 6'
#
loop_
_entity.id
_entity.type
_entity.pdbx_description
1 polymer 'Capsid protein p24'
2 water water
#
_entity_poly.entity_id   1
_entity_poly.type   'polypeptide(L)'
_entity_poly.pdbx_seq_one_letter_code
;PVQQIGGNYVHLCLSPRTLNAWVKLIEEKKFGAEVVPGFQALSCGCTPYDINQMLNCVGDHQAAMQIIRDIINEEAADWD
LQHPQPAPQQGQLREPSGSDIAGTTSSVDEQIQWMYRQQNPIPVGNIYRRWIQLGLQKCVRMYNPTNILDVKQGPKEPFQ
SYVDRFYKSLRAEQTDAAVKNAATQTLLIQNANPDCKLVLKGLGVNPTLEEMLTACQGVGGPGQKARLM
;
_entity_poly.pdbx_strand_id   A,B,C
#
# COMPACT_ATOMS: atom_id res chain seq x y z
N PRO A 1 -23.52 -25.66 -30.14
CA PRO A 1 -24.63 -24.71 -30.21
C PRO A 1 -25.98 -25.38 -30.08
N VAL A 2 -27.05 -24.67 -30.45
CA VAL A 2 -28.41 -25.20 -30.35
C VAL A 2 -29.10 -25.13 -31.72
N GLN A 3 -30.00 -26.08 -31.96
CA GLN A 3 -30.81 -26.11 -33.17
C GLN A 3 -32.25 -26.51 -32.85
N GLN A 4 -33.17 -26.14 -33.72
CA GLN A 4 -34.57 -26.50 -33.56
C GLN A 4 -34.95 -27.58 -34.57
N ILE A 5 -35.39 -28.73 -34.06
CA ILE A 5 -35.87 -29.83 -34.90
C ILE A 5 -37.26 -30.22 -34.40
N GLY A 6 -38.28 -29.96 -35.22
CA GLY A 6 -39.66 -30.07 -34.80
C GLY A 6 -39.99 -28.91 -33.88
N GLY A 7 -40.63 -29.20 -32.76
CA GLY A 7 -40.91 -28.19 -31.74
C GLY A 7 -40.00 -28.29 -30.53
N ASN A 8 -38.78 -28.80 -30.74
CA ASN A 8 -37.84 -29.04 -29.65
C ASN A 8 -36.47 -28.45 -29.95
N TYR A 9 -35.79 -27.98 -28.91
CA TYR A 9 -34.44 -27.45 -29.03
C TYR A 9 -33.44 -28.51 -28.59
N VAL A 10 -32.48 -28.80 -29.47
CA VAL A 10 -31.55 -29.91 -29.30
C VAL A 10 -30.13 -29.42 -29.57
N HIS A 11 -29.14 -30.11 -29.01
CA HIS A 11 -27.75 -29.75 -29.19
C HIS A 11 -27.34 -29.81 -30.66
N LEU A 12 -26.57 -28.81 -31.09
CA LEU A 12 -25.92 -28.80 -32.39
C LEU A 12 -24.44 -28.95 -32.12
N CYS A 13 -23.82 -29.97 -32.72
CA CYS A 13 -22.39 -30.22 -32.54
C CYS A 13 -21.57 -28.97 -32.85
N LEU A 14 -20.55 -28.72 -32.03
CA LEU A 14 -19.61 -27.63 -32.27
C LEU A 14 -18.75 -27.96 -33.48
N SER A 15 -18.58 -26.98 -34.37
CA SER A 15 -17.78 -27.17 -35.57
C SER A 15 -16.31 -27.40 -35.21
N PRO A 16 -15.67 -28.42 -35.81
CA PRO A 16 -14.23 -28.62 -35.66
C PRO A 16 -13.41 -27.43 -36.16
N ARG A 17 -13.90 -26.77 -37.20
CA ARG A 17 -13.28 -25.53 -37.72
C ARG A 17 -13.18 -24.45 -36.65
N THR A 18 -14.27 -24.20 -35.94
CA THR A 18 -14.31 -23.20 -34.86
C THR A 18 -13.37 -23.58 -33.73
N LEU A 19 -13.41 -24.86 -33.35
CA LEU A 19 -12.60 -25.39 -32.26
C LEU A 19 -11.12 -25.24 -32.59
N ASN A 20 -10.76 -25.60 -33.82
CA ASN A 20 -9.37 -25.50 -34.25
C ASN A 20 -8.89 -24.06 -34.33
N ALA A 21 -9.76 -23.15 -34.73
CA ALA A 21 -9.42 -21.72 -34.80
C ALA A 21 -9.13 -21.16 -33.41
N TRP A 22 -9.88 -21.61 -32.41
CA TRP A 22 -9.64 -21.20 -31.02
C TRP A 22 -8.29 -21.71 -30.53
N VAL A 23 -8.04 -23.00 -30.74
CA VAL A 23 -6.77 -23.63 -30.34
C VAL A 23 -5.56 -22.93 -31.00
N LYS A 24 -5.69 -22.60 -32.28
CA LYS A 24 -4.63 -21.92 -33.01
C LYS A 24 -4.42 -20.48 -32.52
N LEU A 25 -5.51 -19.79 -32.19
CA LEU A 25 -5.43 -18.44 -31.64
C LEU A 25 -4.55 -18.41 -30.38
N ILE A 26 -4.77 -19.36 -29.48
CA ILE A 26 -4.00 -19.43 -28.23
C ILE A 26 -2.53 -19.77 -28.50
N GLU A 27 -2.30 -20.79 -29.33
CA GLU A 27 -0.93 -21.22 -29.66
C GLU A 27 -0.11 -20.13 -30.33
N GLU A 28 -0.74 -19.37 -31.22
CA GLU A 28 -0.04 -18.39 -32.05
C GLU A 28 0.03 -17.01 -31.41
N LYS A 29 -1.07 -16.52 -30.84
CA LYS A 29 -1.14 -15.17 -30.27
C LYS A 29 -0.84 -15.08 -28.77
N LYS A 30 -0.94 -16.19 -28.05
CA LYS A 30 -0.46 -16.25 -26.66
C LYS A 30 -0.96 -15.11 -25.76
N PHE A 31 -2.28 -14.93 -25.71
CA PHE A 31 -2.93 -13.95 -24.81
C PHE A 31 -2.61 -12.47 -25.07
N GLY A 32 -2.41 -12.11 -26.34
CA GLY A 32 -2.47 -10.71 -26.74
C GLY A 32 -3.91 -10.24 -26.60
N ALA A 33 -4.13 -8.93 -26.54
CA ALA A 33 -5.46 -8.37 -26.30
C ALA A 33 -6.55 -8.96 -27.22
N GLU A 34 -6.19 -9.28 -28.46
CA GLU A 34 -7.14 -9.86 -29.42
C GLU A 34 -7.76 -11.21 -29.00
N VAL A 35 -7.20 -11.86 -27.98
CA VAL A 35 -7.80 -13.10 -27.47
C VAL A 35 -9.20 -12.90 -26.90
N VAL A 36 -9.50 -11.69 -26.43
CA VAL A 36 -10.79 -11.41 -25.78
C VAL A 36 -11.94 -11.35 -26.79
N PRO A 37 -11.83 -10.49 -27.82
CA PRO A 37 -12.87 -10.52 -28.86
C PRO A 37 -12.84 -11.82 -29.66
N GLY A 38 -11.66 -12.44 -29.77
CA GLY A 38 -11.52 -13.74 -30.43
C GLY A 38 -12.36 -14.83 -29.78
N PHE A 39 -12.30 -14.94 -28.45
CA PHE A 39 -13.14 -15.88 -27.72
C PHE A 39 -14.62 -15.57 -27.90
N GLN A 40 -14.96 -14.29 -27.81
CA GLN A 40 -16.36 -13.84 -27.95
C GLN A 40 -16.96 -14.29 -29.29
N ALA A 41 -16.20 -14.08 -30.36
CA ALA A 41 -16.66 -14.45 -31.70
C ALA A 41 -16.77 -15.97 -31.83
N LEU A 42 -15.73 -16.68 -31.41
CA LEU A 42 -15.66 -18.13 -31.59
C LEU A 42 -16.57 -18.91 -30.65
N SER A 43 -17.01 -18.29 -29.56
CA SER A 43 -17.94 -18.92 -28.61
C SER A 43 -19.38 -18.46 -28.82
N CYS A 44 -19.62 -17.65 -29.84
CA CYS A 44 -20.95 -17.15 -30.15
C CYS A 44 -21.93 -18.30 -30.37
N GLY A 45 -23.08 -18.23 -29.70
CA GLY A 45 -24.12 -19.25 -29.82
C GLY A 45 -23.86 -20.57 -29.09
N CYS A 46 -22.87 -20.59 -28.19
CA CYS A 46 -22.46 -21.83 -27.53
C CYS A 46 -23.12 -22.05 -26.17
N THR A 47 -23.27 -23.32 -25.82
CA THR A 47 -23.66 -23.70 -24.47
C THR A 47 -22.40 -23.87 -23.65
N PRO A 48 -22.51 -23.88 -22.31
CA PRO A 48 -21.36 -24.14 -21.45
C PRO A 48 -20.63 -25.45 -21.76
N TYR A 49 -21.38 -26.48 -22.17
CA TYR A 49 -20.79 -27.74 -22.61
C TYR A 49 -19.81 -27.52 -23.77
N ASP A 50 -20.23 -26.73 -24.75
CA ASP A 50 -19.39 -26.42 -25.92
C ASP A 50 -18.17 -25.60 -25.54
N ILE A 51 -18.38 -24.64 -24.64
CA ILE A 51 -17.31 -23.74 -24.22
C ILE A 51 -16.21 -24.50 -23.50
N ASN A 52 -16.59 -25.47 -22.67
CA ASN A 52 -15.60 -26.28 -21.95
C ASN A 52 -14.73 -27.13 -22.89
N GLN A 53 -15.32 -27.62 -23.98
CA GLN A 53 -14.54 -28.30 -25.02
C GLN A 53 -13.48 -27.36 -25.60
N MET A 54 -13.87 -26.13 -25.89
CA MET A 54 -12.92 -25.11 -26.39
C MET A 54 -11.76 -24.91 -25.41
N LEU A 55 -12.10 -24.65 -24.14
CA LEU A 55 -11.09 -24.38 -23.12
C LEU A 55 -10.21 -25.59 -22.81
N ASN A 56 -10.82 -26.79 -22.77
CA ASN A 56 -10.06 -28.01 -22.48
C ASN A 56 -9.17 -28.49 -23.64
N CYS A 57 -9.43 -28.02 -24.85
CA CYS A 57 -8.58 -28.36 -26.01
C CYS A 57 -7.25 -27.62 -26.00
N VAL A 58 -7.09 -26.65 -25.10
CA VAL A 58 -5.82 -25.95 -24.92
C VAL A 58 -4.85 -26.85 -24.15
N GLY A 59 -3.76 -27.26 -24.80
CA GLY A 59 -2.80 -28.21 -24.24
C GLY A 59 -1.71 -27.64 -23.36
N ASP A 60 -1.35 -26.38 -23.57
CA ASP A 60 -0.31 -25.69 -22.82
C ASP A 60 -0.91 -24.48 -22.06
N HIS A 61 -0.07 -23.58 -21.55
CA HIS A 61 -0.51 -22.35 -20.88
C HIS A 61 -1.43 -22.61 -19.68
N GLN A 62 -1.11 -23.65 -18.90
CA GLN A 62 -2.03 -24.11 -17.85
C GLN A 62 -2.07 -23.19 -16.62
N ALA A 63 -1.03 -22.39 -16.41
CA ALA A 63 -1.10 -21.34 -15.37
C ALA A 63 -2.22 -20.37 -15.71
N ALA A 64 -2.26 -19.93 -16.96
CA ALA A 64 -3.29 -19.02 -17.43
C ALA A 64 -4.67 -19.67 -17.37
N MET A 65 -4.78 -20.95 -17.73
CA MET A 65 -6.06 -21.64 -17.69
C MET A 65 -6.57 -21.80 -16.25
N GLN A 66 -5.63 -21.99 -15.32
CA GLN A 66 -5.96 -22.05 -13.90
C GLN A 66 -6.45 -20.70 -13.36
N ILE A 67 -5.82 -19.61 -13.81
CA ILE A 67 -6.27 -18.25 -13.47
C ILE A 67 -7.70 -18.05 -13.97
N ILE A 68 -7.98 -18.49 -15.19
CA ILE A 68 -9.34 -18.40 -15.74
C ILE A 68 -10.31 -19.20 -14.86
N ARG A 69 -9.90 -20.41 -14.48
CA ARG A 69 -10.70 -21.28 -13.62
C ARG A 69 -10.99 -20.62 -12.26
N ASP A 70 -9.98 -19.95 -11.69
CA ASP A 70 -10.16 -19.22 -10.43
C ASP A 70 -11.17 -18.08 -10.54
N ILE A 71 -11.16 -17.37 -11.66
CA ILE A 71 -12.10 -16.27 -11.88
C ILE A 71 -13.51 -16.83 -12.10
N ILE A 72 -13.62 -17.95 -12.82
CA ILE A 72 -14.89 -18.64 -13.00
C ILE A 72 -15.50 -19.02 -11.65
N ASN A 73 -14.69 -19.54 -10.74
CA ASN A 73 -15.16 -19.93 -9.40
C ASN A 73 -15.64 -18.75 -8.56
N GLU A 74 -14.91 -17.63 -8.63
CA GLU A 74 -15.33 -16.40 -7.94
C GLU A 74 -16.70 -15.92 -8.42
N GLU A 75 -16.88 -15.88 -9.74
CA GLU A 75 -18.15 -15.45 -10.34
C GLU A 75 -19.25 -16.47 -10.06
N ALA A 76 -18.90 -17.75 -10.06
CA ALA A 76 -19.84 -18.82 -9.71
C ALA A 76 -20.34 -18.68 -8.28
N ALA A 77 -19.41 -18.36 -7.36
CA ALA A 77 -19.75 -18.15 -5.96
C ALA A 77 -20.62 -16.91 -5.79
N ASP A 78 -20.25 -15.84 -6.49
CA ASP A 78 -21.01 -14.59 -6.49
C ASP A 78 -22.45 -14.82 -7.01
N TRP A 79 -22.59 -15.66 -8.03
CA TRP A 79 -23.91 -16.00 -8.57
C TRP A 79 -24.80 -16.65 -7.51
N ASP A 80 -24.23 -17.58 -6.74
CA ASP A 80 -24.99 -18.29 -5.70
C ASP A 80 -25.48 -17.36 -4.59
N LEU A 81 -24.73 -16.29 -4.32
CA LEU A 81 -25.16 -15.29 -3.34
C LEU A 81 -26.28 -14.41 -3.89
N GLN A 82 -26.15 -14.00 -5.16
CA GLN A 82 -27.16 -13.15 -5.80
C GLN A 82 -28.43 -13.90 -6.17
N HIS A 83 -28.32 -15.20 -6.43
CA HIS A 83 -29.47 -16.02 -6.85
C HIS A 83 -29.49 -17.40 -6.19
N PRO A 84 -29.67 -17.45 -4.86
CA PRO A 84 -29.84 -18.75 -4.19
C PRO A 84 -31.02 -19.53 -4.76
N GLN A 85 -30.95 -20.86 -4.74
CA GLN A 85 -31.89 -21.66 -5.50
C GLN A 85 -32.73 -22.56 -4.59
N PRO A 86 -34.05 -22.32 -4.56
CA PRO A 86 -34.90 -23.17 -3.73
C PRO A 86 -34.96 -24.56 -4.34
N ALA A 87 -35.28 -25.57 -3.53
CA ALA A 87 -35.27 -26.95 -4.00
C ALA A 87 -36.39 -27.23 -5.00
N PRO A 88 -36.03 -27.78 -6.18
CA PRO A 88 -37.01 -27.97 -7.23
C PRO A 88 -38.23 -28.76 -6.74
N GLN A 89 -39.40 -28.15 -6.83
CA GLN A 89 -40.64 -28.81 -6.45
C GLN A 89 -41.14 -29.69 -7.61
N GLN A 90 -41.59 -30.90 -7.26
CA GLN A 90 -42.36 -31.76 -8.17
C GLN A 90 -41.59 -32.33 -9.35
N GLY A 91 -40.32 -32.66 -9.15
CA GLY A 91 -39.48 -33.26 -10.20
C GLY A 91 -39.17 -32.34 -11.37
N GLN A 92 -39.27 -31.03 -11.14
CA GLN A 92 -38.96 -30.02 -12.16
C GLN A 92 -37.48 -29.70 -12.12
N LEU A 93 -36.93 -29.31 -13.27
CA LEU A 93 -35.51 -28.92 -13.36
C LEU A 93 -35.21 -27.78 -12.39
N ARG A 94 -34.16 -27.94 -11.60
CA ARG A 94 -33.71 -26.92 -10.67
C ARG A 94 -33.36 -25.61 -11.38
N GLU A 95 -33.32 -24.52 -10.61
CA GLU A 95 -32.71 -23.28 -11.06
C GLU A 95 -31.20 -23.47 -10.99
N PRO A 96 -30.46 -22.88 -11.95
CA PRO A 96 -29.03 -23.15 -12.08
C PRO A 96 -28.15 -22.46 -11.03
N SER A 97 -27.25 -23.24 -10.41
CA SER A 97 -26.19 -22.69 -9.58
C SER A 97 -25.04 -22.18 -10.45
N GLY A 98 -24.01 -21.66 -9.80
CA GLY A 98 -22.80 -21.21 -10.47
C GLY A 98 -22.08 -22.33 -11.21
N SER A 99 -22.00 -23.49 -10.58
CA SER A 99 -21.39 -24.67 -11.19
C SER A 99 -22.19 -25.19 -12.39
N ASP A 100 -23.51 -25.01 -12.35
CA ASP A 100 -24.37 -25.37 -13.48
C ASP A 100 -24.12 -24.48 -14.70
N ILE A 101 -23.96 -23.19 -14.45
CA ILE A 101 -23.66 -22.22 -15.51
C ILE A 101 -22.28 -22.49 -16.12
N ALA A 102 -21.33 -22.90 -15.27
CA ALA A 102 -19.98 -23.26 -15.71
C ALA A 102 -19.92 -24.62 -16.43
N GLY A 103 -21.00 -25.38 -16.38
CA GLY A 103 -21.09 -26.66 -17.07
C GLY A 103 -20.42 -27.82 -16.36
N THR A 104 -20.04 -27.64 -15.10
CA THR A 104 -19.38 -28.69 -14.33
C THR A 104 -20.39 -29.63 -13.68
N THR A 105 -21.55 -29.10 -13.29
CA THR A 105 -22.60 -29.89 -12.64
C THR A 105 -23.91 -29.96 -13.46
N SER A 106 -23.85 -29.59 -14.74
CA SER A 106 -25.03 -29.64 -15.60
C SER A 106 -24.72 -30.30 -16.94
N SER A 107 -25.75 -30.92 -17.53
CA SER A 107 -25.66 -31.55 -18.84
C SER A 107 -26.02 -30.55 -19.93
N VAL A 108 -25.83 -30.94 -21.19
CA VAL A 108 -26.13 -30.06 -22.33
C VAL A 108 -27.62 -29.77 -22.41
N ASP A 109 -28.45 -30.79 -22.16
CA ASP A 109 -29.89 -30.66 -22.25
C ASP A 109 -30.48 -29.77 -21.15
N GLU A 110 -29.89 -29.81 -19.96
CA GLU A 110 -30.28 -28.89 -18.89
C GLU A 110 -29.95 -27.45 -19.25
N GLN A 111 -28.77 -27.25 -19.84
CA GLN A 111 -28.33 -25.92 -20.27
C GLN A 111 -29.27 -25.34 -21.32
N ILE A 112 -29.64 -26.18 -22.30
CA ILE A 112 -30.58 -25.78 -23.35
C ILE A 112 -31.97 -25.46 -22.79
N GLN A 113 -32.41 -26.22 -21.79
CA GLN A 113 -33.72 -25.98 -21.18
C GLN A 113 -33.75 -24.59 -20.53
N TRP A 114 -32.72 -24.26 -19.75
CA TRP A 114 -32.65 -22.93 -19.13
C TRP A 114 -32.59 -21.82 -20.18
N MET A 115 -31.88 -22.07 -21.27
CA MET A 115 -31.68 -21.07 -22.32
C MET A 115 -32.94 -20.80 -23.15
N TYR A 116 -33.74 -21.84 -23.40
CA TYR A 116 -34.88 -21.72 -24.32
C TYR A 116 -36.26 -21.99 -23.72
N ARG A 117 -36.36 -22.16 -22.40
CA ARG A 117 -37.67 -22.31 -21.76
C ARG A 117 -38.48 -21.02 -21.89
N GLN A 118 -39.80 -21.16 -21.96
CA GLN A 118 -40.71 -20.04 -22.19
C GLN A 118 -40.70 -19.04 -21.04
N GLN A 119 -40.90 -19.53 -19.81
CA GLN A 119 -40.96 -18.67 -18.64
C GLN A 119 -39.60 -18.50 -17.97
N ASN A 120 -39.13 -17.27 -17.89
CA ASN A 120 -37.87 -16.93 -17.21
C ASN A 120 -36.65 -17.66 -17.78
N PRO A 121 -36.36 -17.46 -19.08
CA PRO A 121 -35.18 -18.06 -19.68
C PRO A 121 -33.90 -17.43 -19.14
N ILE A 122 -32.89 -18.26 -18.91
CA ILE A 122 -31.60 -17.82 -18.38
C ILE A 122 -30.51 -18.17 -19.39
N PRO A 123 -29.84 -17.15 -19.96
CA PRO A 123 -28.83 -17.43 -20.97
C PRO A 123 -27.51 -17.85 -20.34
N VAL A 124 -27.45 -19.08 -19.85
CA VAL A 124 -26.30 -19.59 -19.10
C VAL A 124 -25.01 -19.61 -19.92
N GLY A 125 -25.13 -19.81 -21.23
CA GLY A 125 -23.98 -19.78 -22.13
C GLY A 125 -23.36 -18.39 -22.19
N ASN A 126 -24.20 -17.36 -22.32
CA ASN A 126 -23.72 -15.99 -22.42
C ASN A 126 -23.24 -15.42 -21.09
N ILE A 127 -23.80 -15.91 -19.99
CA ILE A 127 -23.31 -15.56 -18.66
C ILE A 127 -21.91 -16.14 -18.45
N TYR A 128 -21.74 -17.40 -18.83
CA TYR A 128 -20.46 -18.09 -18.71
C TYR A 128 -19.38 -17.44 -19.58
N ARG A 129 -19.77 -17.01 -20.78
CA ARG A 129 -18.87 -16.28 -21.67
C ARG A 129 -18.35 -14.98 -21.05
N ARG A 130 -19.21 -14.29 -20.31
CA ARG A 130 -18.83 -13.08 -19.59
C ARG A 130 -17.79 -13.40 -18.49
N TRP A 131 -17.98 -14.50 -17.78
CA TRP A 131 -17.04 -14.90 -16.73
C TRP A 131 -15.66 -15.22 -17.32
N ILE A 132 -15.65 -15.91 -18.45
CA ILE A 132 -14.39 -16.26 -19.13
C ILE A 132 -13.67 -15.03 -19.69
N GLN A 133 -14.42 -14.07 -20.22
CA GLN A 133 -13.86 -12.79 -20.64
C GLN A 133 -13.06 -12.11 -19.53
N LEU A 134 -13.62 -12.08 -18.32
CA LEU A 134 -12.94 -11.51 -17.16
C LEU A 134 -11.63 -12.25 -16.88
N GLY A 135 -11.66 -13.58 -17.00
CA GLY A 135 -10.47 -14.41 -16.86
C GLY A 135 -9.42 -14.15 -17.93
N LEU A 136 -9.87 -14.06 -19.18
CA LEU A 136 -8.97 -13.75 -20.30
C LEU A 136 -8.32 -12.36 -20.18
N GLN A 137 -9.08 -11.39 -19.65
CA GLN A 137 -8.54 -10.05 -19.43
C GLN A 137 -7.40 -10.04 -18.41
N LYS A 138 -7.52 -10.86 -17.37
CA LYS A 138 -6.44 -11.06 -16.41
C LYS A 138 -5.20 -11.65 -17.08
N CYS A 139 -5.42 -12.59 -18.00
CA CYS A 139 -4.33 -13.24 -18.73
C CYS A 139 -3.61 -12.28 -19.69
N VAL A 140 -4.36 -11.39 -20.32
CA VAL A 140 -3.76 -10.38 -21.19
C VAL A 140 -2.79 -9.50 -20.40
N ARG A 141 -3.23 -9.06 -19.22
CA ARG A 141 -2.37 -8.30 -18.31
C ARG A 141 -1.11 -9.09 -17.93
N MET A 142 -1.30 -10.37 -17.62
CA MET A 142 -0.21 -11.26 -17.23
C MET A 142 0.83 -11.46 -18.33
N TYR A 143 0.37 -11.68 -19.57
CA TYR A 143 1.28 -11.91 -20.69
C TYR A 143 1.84 -10.63 -21.33
N ASN A 144 1.37 -9.46 -20.90
CA ASN A 144 1.86 -8.20 -21.48
C ASN A 144 3.37 -8.04 -21.26
N PRO A 145 4.15 -7.98 -22.34
CA PRO A 145 5.62 -7.90 -22.22
C PRO A 145 6.14 -6.56 -21.69
N THR A 146 5.47 -5.46 -22.01
CA THR A 146 5.93 -4.13 -21.61
C THR A 146 4.82 -3.32 -20.94
N ASN A 147 4.96 -3.07 -19.65
CA ASN A 147 4.03 -2.23 -18.92
C ASN A 147 4.00 -0.81 -19.51
N ILE A 148 2.81 -0.21 -19.55
CA ILE A 148 2.62 1.13 -20.12
C ILE A 148 3.62 2.16 -19.60
N LEU A 149 3.93 2.10 -18.31
CA LEU A 149 4.85 3.07 -17.69
C LEU A 149 6.30 2.91 -18.14
N ASP A 150 6.64 1.76 -18.72
CA ASP A 150 7.97 1.52 -19.26
C ASP A 150 8.07 1.73 -20.77
N VAL A 151 7.00 2.19 -21.41
CA VAL A 151 7.04 2.51 -22.83
C VAL A 151 7.57 3.94 -23.01
N LYS A 152 8.83 4.05 -23.42
CA LYS A 152 9.49 5.33 -23.61
C LYS A 152 10.12 5.37 -24.99
N GLN A 153 9.93 6.48 -25.70
CA GLN A 153 10.45 6.62 -27.06
C GLN A 153 11.97 6.59 -27.05
N GLY A 154 12.55 5.79 -27.94
CA GLY A 154 14.00 5.72 -28.09
C GLY A 154 14.55 7.00 -28.70
N PRO A 155 15.87 7.24 -28.53
CA PRO A 155 16.53 8.42 -29.09
C PRO A 155 16.20 8.67 -30.58
N LYS A 156 16.23 7.62 -31.38
CA LYS A 156 16.00 7.73 -32.83
C LYS A 156 14.81 6.90 -33.32
N GLU A 157 13.96 6.46 -32.41
CA GLU A 157 12.75 5.72 -32.79
C GLU A 157 11.75 6.68 -33.43
N PRO A 158 11.23 6.32 -34.63
CA PRO A 158 10.15 7.12 -35.22
C PRO A 158 8.96 7.27 -34.26
N PHE A 159 8.35 8.46 -34.25
CA PHE A 159 7.23 8.73 -33.36
C PHE A 159 6.06 7.77 -33.58
N GLN A 160 5.81 7.43 -34.85
CA GLN A 160 4.73 6.50 -35.18
C GLN A 160 4.94 5.13 -34.52
N SER A 161 6.18 4.66 -34.53
CA SER A 161 6.53 3.38 -33.90
C SER A 161 6.28 3.41 -32.39
N TYR A 162 6.75 4.46 -31.74
CA TYR A 162 6.54 4.66 -30.30
C TYR A 162 5.06 4.69 -29.93
N VAL A 163 4.27 5.37 -30.75
CA VAL A 163 2.83 5.46 -30.54
C VAL A 163 2.16 4.07 -30.63
N ASP A 164 2.55 3.27 -31.63
CA ASP A 164 2.08 1.89 -31.73
C ASP A 164 2.34 1.10 -30.45
N ARG A 165 3.55 1.20 -29.92
CA ARG A 165 3.92 0.47 -28.70
C ARG A 165 3.14 0.97 -27.50
N PHE A 166 2.93 2.29 -27.44
CA PHE A 166 2.22 2.92 -26.33
C PHE A 166 0.78 2.47 -26.24
N TYR A 167 0.05 2.57 -27.36
CA TYR A 167 -1.36 2.18 -27.36
C TYR A 167 -1.58 0.66 -27.27
N LYS A 168 -0.59 -0.13 -27.68
CA LYS A 168 -0.66 -1.58 -27.52
C LYS A 168 -0.54 -1.96 -26.04
N SER A 169 0.41 -1.35 -25.34
CA SER A 169 0.59 -1.58 -23.90
C SER A 169 -0.58 -1.00 -23.09
N LEU A 170 -1.07 0.17 -23.48
CA LEU A 170 -2.23 0.79 -22.82
C LEU A 170 -3.44 -0.14 -22.92
N ARG A 171 -3.71 -0.64 -24.11
CA ARG A 171 -4.81 -1.57 -24.32
C ARG A 171 -4.63 -2.86 -23.50
N ALA A 172 -3.40 -3.35 -23.43
CA ALA A 172 -3.07 -4.57 -22.67
C ALA A 172 -3.35 -4.47 -21.16
N GLU A 173 -3.54 -3.26 -20.64
CA GLU A 173 -3.99 -3.07 -19.26
C GLU A 173 -5.39 -3.63 -19.04
N GLN A 174 -6.24 -3.52 -20.06
CA GLN A 174 -7.60 -4.05 -20.02
C GLN A 174 -8.44 -3.44 -18.90
N THR A 175 -8.38 -2.12 -18.76
CA THR A 175 -9.19 -1.39 -17.77
C THR A 175 -9.87 -0.20 -18.43
N ASP A 176 -10.90 0.32 -17.76
CA ASP A 176 -11.61 1.52 -18.24
C ASP A 176 -10.73 2.77 -18.20
N ALA A 177 -9.80 2.81 -17.25
CA ALA A 177 -8.90 3.94 -17.08
C ALA A 177 -7.83 4.01 -18.17
N ALA A 178 -7.38 2.86 -18.65
CA ALA A 178 -6.36 2.79 -19.69
C ALA A 178 -6.97 2.96 -21.07
N VAL A 179 -7.42 4.18 -21.36
CA VAL A 179 -7.97 4.54 -22.67
C VAL A 179 -7.43 5.92 -23.06
N LYS A 180 -7.39 6.17 -24.35
CA LYS A 180 -7.01 7.47 -24.88
C LYS A 180 -7.87 8.58 -24.28
N ASN A 181 -7.25 9.48 -23.53
CA ASN A 181 -7.89 10.69 -23.03
C ASN A 181 -6.82 11.70 -22.62
N ALA A 182 -7.22 12.84 -22.07
CA ALA A 182 -6.26 13.87 -21.69
C ALA A 182 -5.17 13.37 -20.74
N ALA A 183 -5.56 12.55 -19.76
CA ALA A 183 -4.59 12.02 -18.78
C ALA A 183 -3.56 11.06 -19.38
N THR A 184 -3.99 10.14 -20.25
CA THR A 184 -3.06 9.18 -20.87
C THR A 184 -2.23 9.82 -21.98
N GLN A 185 -2.82 10.82 -22.66
CA GLN A 185 -2.08 11.61 -23.63
C GLN A 185 -0.95 12.39 -22.96
N THR A 186 -1.17 12.85 -21.74
CA THR A 186 -0.13 13.54 -20.97
C THR A 186 1.09 12.63 -20.76
N LEU A 187 0.84 11.36 -20.44
CA LEU A 187 1.92 10.38 -20.28
C LEU A 187 2.64 10.12 -21.61
N LEU A 188 1.89 10.00 -22.69
CA LEU A 188 2.46 9.78 -24.02
C LEU A 188 3.46 10.88 -24.38
N ILE A 189 3.08 12.12 -24.13
CA ILE A 189 3.95 13.27 -24.42
C ILE A 189 5.17 13.27 -23.50
N GLN A 190 4.91 13.12 -22.20
CA GLN A 190 5.92 12.96 -21.17
C GLN A 190 7.02 11.93 -21.48
N ASN A 191 6.64 10.79 -22.05
CA ASN A 191 7.61 9.73 -22.31
C ASN A 191 8.13 9.70 -23.75
N ALA A 192 7.81 10.73 -24.52
CA ALA A 192 8.43 10.92 -25.83
C ALA A 192 9.86 11.43 -25.62
N ASN A 193 10.69 11.31 -26.66
CA ASN A 193 12.09 11.73 -26.57
C ASN A 193 12.21 13.26 -26.63
N PRO A 194 13.38 13.81 -26.26
CA PRO A 194 13.52 15.28 -26.21
C PRO A 194 13.17 16.01 -27.51
N ASP A 195 13.54 15.44 -28.66
CA ASP A 195 13.28 16.08 -29.95
C ASP A 195 11.78 16.14 -30.25
N CYS A 196 11.07 15.04 -30.04
CA CYS A 196 9.63 14.99 -30.30
C CYS A 196 8.83 15.75 -29.24
N LYS A 197 9.25 15.66 -27.99
CA LYS A 197 8.59 16.39 -26.90
C LYS A 197 8.59 17.90 -27.15
N LEU A 198 9.71 18.43 -27.63
CA LEU A 198 9.82 19.85 -27.97
C LEU A 198 8.80 20.25 -29.05
N VAL A 199 8.64 19.40 -30.06
CA VAL A 199 7.65 19.64 -31.11
C VAL A 199 6.23 19.54 -30.57
N LEU A 200 5.96 18.54 -29.72
CA LEU A 200 4.62 18.33 -29.16
C LEU A 200 4.15 19.45 -28.24
N LYS A 201 5.09 20.07 -27.52
CA LYS A 201 4.79 21.18 -26.62
C LYS A 201 4.24 22.41 -27.36
N GLY A 202 4.58 22.55 -28.64
CA GLY A 202 4.12 23.67 -29.45
C GLY A 202 2.74 23.51 -30.08
N LEU A 203 2.10 22.35 -29.86
CA LEU A 203 0.81 22.06 -30.49
C LEU A 203 -0.40 22.48 -29.64
N GLY A 204 -0.17 23.16 -28.53
CA GLY A 204 -1.26 23.65 -27.69
C GLY A 204 -1.79 22.59 -26.74
N VAL A 205 -2.98 22.86 -26.19
CA VAL A 205 -3.61 21.96 -25.23
C VAL A 205 -4.39 20.87 -25.96
N ASN A 206 -4.25 19.63 -25.51
CA ASN A 206 -4.97 18.50 -26.10
C ASN A 206 -4.95 18.48 -27.64
N PRO A 207 -3.75 18.34 -28.24
CA PRO A 207 -3.69 18.14 -29.68
C PRO A 207 -4.21 16.76 -30.06
N THR A 208 -4.68 16.62 -31.29
CA THR A 208 -5.21 15.33 -31.75
C THR A 208 -4.06 14.40 -32.12
N LEU A 209 -4.34 13.10 -32.19
CA LEU A 209 -3.34 12.12 -32.59
C LEU A 209 -2.79 12.43 -33.98
N GLU A 210 -3.69 12.74 -34.91
CA GLU A 210 -3.30 13.13 -36.27
C GLU A 210 -2.36 14.33 -36.28
N GLU A 211 -2.64 15.33 -35.45
CA GLU A 211 -1.77 16.49 -35.35
C GLU A 211 -0.39 16.09 -34.82
N MET A 212 -0.37 15.26 -33.78
CA MET A 212 0.89 14.79 -33.20
C MET A 212 1.72 14.00 -34.20
N LEU A 213 1.08 13.10 -34.95
CA LEU A 213 1.77 12.28 -35.96
C LEU A 213 2.28 13.14 -37.11
N THR A 214 1.45 14.06 -37.59
CA THR A 214 1.85 15.00 -38.64
C THR A 214 3.05 15.83 -38.19
N ALA A 215 2.98 16.39 -37.00
CA ALA A 215 4.02 17.28 -36.49
C ALA A 215 5.35 16.57 -36.27
N CYS A 216 5.30 15.30 -35.88
CA CYS A 216 6.52 14.56 -35.53
C CYS A 216 7.07 13.68 -36.65
N GLN A 217 6.43 13.68 -37.81
CA GLN A 217 6.89 12.84 -38.92
C GLN A 217 8.32 13.19 -39.31
N GLY A 218 9.22 12.22 -39.17
CA GLY A 218 10.63 12.40 -39.56
C GLY A 218 11.55 12.96 -38.49
N VAL A 219 11.01 13.41 -37.36
CA VAL A 219 11.85 13.96 -36.29
C VAL A 219 12.77 12.87 -35.75
N PRO B 1 18.71 -5.34 29.26
CA PRO B 1 19.73 -4.80 28.38
C PRO B 1 21.14 -5.11 28.90
N VAL B 2 22.15 -4.47 28.31
CA VAL B 2 23.55 -4.70 28.69
C VAL B 2 24.22 -3.38 29.10
N GLN B 3 25.13 -3.47 30.06
CA GLN B 3 25.91 -2.32 30.51
C GLN B 3 27.36 -2.74 30.71
N GLN B 4 28.27 -1.79 30.59
CA GLN B 4 29.70 -2.03 30.79
C GLN B 4 30.15 -1.45 32.13
N ILE B 5 30.38 -2.32 33.12
CA ILE B 5 30.88 -1.90 34.43
C ILE B 5 32.37 -2.19 34.52
N GLY B 6 33.17 -1.12 34.47
CA GLY B 6 34.62 -1.25 34.42
C GLY B 6 35.06 -1.61 33.02
N GLY B 7 35.40 -2.88 32.81
CA GLY B 7 35.71 -3.40 31.48
C GLY B 7 34.95 -4.67 31.13
N ASN B 8 33.90 -4.98 31.89
CA ASN B 8 33.13 -6.21 31.71
C ASN B 8 31.68 -5.90 31.39
N TYR B 9 31.10 -6.67 30.47
CA TYR B 9 29.69 -6.49 30.08
C TYR B 9 28.78 -7.35 30.95
N VAL B 10 27.83 -6.70 31.63
CA VAL B 10 26.90 -7.40 32.52
C VAL B 10 25.45 -7.00 32.24
N HIS B 11 24.53 -7.70 32.88
CA HIS B 11 23.10 -7.46 32.68
C HIS B 11 22.66 -6.13 33.26
N LEU B 12 21.84 -5.41 32.50
CA LEU B 12 21.16 -4.21 32.98
C LEU B 12 19.69 -4.57 33.06
N CYS B 13 19.09 -4.37 34.24
CA CYS B 13 17.70 -4.74 34.46
C CYS B 13 16.77 -4.08 33.45
N LEU B 14 15.77 -4.83 33.02
CA LEU B 14 14.75 -4.32 32.10
C LEU B 14 13.90 -3.32 32.87
N SER B 15 13.69 -2.15 32.27
CA SER B 15 12.93 -1.06 32.89
C SER B 15 11.45 -1.42 33.05
N PRO B 16 10.88 -1.22 34.26
CA PRO B 16 9.44 -1.43 34.45
C PRO B 16 8.55 -0.61 33.51
N ARG B 17 9.00 0.59 33.15
CA ARG B 17 8.24 1.44 32.23
C ARG B 17 8.13 0.79 30.84
N THR B 18 9.24 0.26 30.35
CA THR B 18 9.27 -0.42 29.05
C THR B 18 8.43 -1.70 29.05
N LEU B 19 8.58 -2.49 30.10
CA LEU B 19 7.81 -3.71 30.27
C LEU B 19 6.32 -3.39 30.28
N ASN B 20 5.95 -2.40 31.07
CA ASN B 20 4.56 -1.98 31.17
C ASN B 20 4.02 -1.43 29.85
N ALA B 21 4.84 -0.68 29.14
CA ALA B 21 4.46 -0.11 27.85
C ALA B 21 4.10 -1.21 26.85
N TRP B 22 4.88 -2.29 26.87
CA TRP B 22 4.61 -3.45 26.02
C TRP B 22 3.31 -4.15 26.40
N VAL B 23 3.12 -4.43 27.69
CA VAL B 23 1.90 -5.07 28.17
C VAL B 23 0.65 -4.26 27.81
N LYS B 24 0.73 -2.94 27.94
CA LYS B 24 -0.41 -2.06 27.59
C LYS B 24 -0.64 -1.98 26.08
N LEU B 25 0.44 -1.97 25.30
CA LEU B 25 0.33 -2.00 23.84
C LEU B 25 -0.55 -3.17 23.38
N ILE B 26 -0.30 -4.36 23.93
CA ILE B 26 -1.06 -5.56 23.56
C ILE B 26 -2.50 -5.48 24.05
N GLU B 27 -2.68 -5.06 25.30
CA GLU B 27 -4.02 -4.93 25.89
C GLU B 27 -4.89 -3.89 25.18
N GLU B 28 -4.29 -2.76 24.82
CA GLU B 28 -5.03 -1.66 24.21
C GLU B 28 -5.18 -1.82 22.70
N LYS B 29 -4.08 -2.12 22.01
CA LYS B 29 -4.06 -2.15 20.54
C LYS B 29 -4.31 -3.52 19.92
N LYS B 30 -4.24 -4.59 20.72
CA LYS B 30 -4.73 -5.91 20.30
C LYS B 30 -4.28 -6.35 18.90
N PHE B 31 -2.97 -6.30 18.66
CA PHE B 31 -2.37 -6.80 17.43
C PHE B 31 -2.78 -6.06 16.14
N GLY B 32 -3.00 -4.76 16.24
CA GLY B 32 -3.00 -3.91 15.05
C GLY B 32 -1.60 -3.92 14.46
N ALA B 33 -1.45 -3.47 13.22
CA ALA B 33 -0.16 -3.48 12.53
C ALA B 33 0.97 -2.82 13.33
N GLU B 34 0.64 -1.81 14.13
CA GLU B 34 1.63 -1.08 14.93
C GLU B 34 2.38 -1.90 16.01
N VAL B 35 1.87 -3.09 16.36
CA VAL B 35 2.59 -3.94 17.32
C VAL B 35 3.95 -4.41 16.81
N VAL B 36 4.13 -4.49 15.49
CA VAL B 36 5.40 -4.92 14.92
C VAL B 36 6.51 -3.89 15.21
N PRO B 37 6.36 -2.65 14.72
CA PRO B 37 7.38 -1.65 15.09
C PRO B 37 7.38 -1.31 16.58
N GLY B 38 6.24 -1.46 17.23
CA GLY B 38 6.14 -1.29 18.68
C GLY B 38 7.05 -2.24 19.43
N PHE B 39 6.99 -3.52 19.08
CA PHE B 39 7.86 -4.53 19.68
C PHE B 39 9.34 -4.25 19.37
N GLN B 40 9.63 -3.86 18.14
CA GLN B 40 11.00 -3.53 17.73
C GLN B 40 11.60 -2.44 18.63
N ALA B 41 10.84 -1.37 18.80
CA ALA B 41 11.27 -0.23 19.62
C ALA B 41 11.42 -0.61 21.08
N LEU B 42 10.41 -1.30 21.63
CA LEU B 42 10.40 -1.65 23.04
C LEU B 42 11.39 -2.76 23.40
N SER B 43 11.76 -3.58 22.41
CA SER B 43 12.75 -4.64 22.63
C SER B 43 14.16 -4.23 22.22
N CYS B 44 14.36 -2.96 21.87
CA CYS B 44 15.68 -2.46 21.48
C CYS B 44 16.70 -2.68 22.59
N GLY B 45 17.86 -3.21 22.22
CA GLY B 45 18.95 -3.42 23.17
C GLY B 45 18.78 -4.60 24.12
N CYS B 46 17.75 -5.42 23.92
CA CYS B 46 17.41 -6.49 24.87
C CYS B 46 18.11 -7.81 24.58
N THR B 47 18.31 -8.59 25.64
CA THR B 47 18.76 -9.97 25.53
C THR B 47 17.52 -10.87 25.42
N PRO B 48 17.69 -12.13 24.99
CA PRO B 48 16.57 -13.08 24.99
C PRO B 48 15.88 -13.21 26.35
N TYR B 49 16.67 -13.17 27.42
CA TYR B 49 16.17 -13.20 28.80
C TYR B 49 15.20 -12.05 29.07
N ASP B 50 15.57 -10.84 28.63
CA ASP B 50 14.71 -9.67 28.76
C ASP B 50 13.45 -9.82 27.91
N ILE B 51 13.62 -10.29 26.67
CA ILE B 51 12.51 -10.45 25.73
C ILE B 51 11.49 -11.47 26.24
N ASN B 52 11.94 -12.55 26.86
CA ASN B 52 11.03 -13.55 27.41
C ASN B 52 10.17 -12.99 28.54
N GLN B 53 10.72 -12.07 29.32
CA GLN B 53 9.93 -11.38 30.34
C GLN B 53 8.82 -10.56 29.69
N MET B 54 9.14 -9.87 28.59
CA MET B 54 8.15 -9.09 27.87
C MET B 54 7.01 -9.97 27.35
N LEU B 55 7.36 -11.07 26.68
CA LEU B 55 6.37 -11.96 26.09
C LEU B 55 5.55 -12.69 27.15
N ASN B 56 6.21 -13.16 28.21
CA ASN B 56 5.52 -13.89 29.27
C ASN B 56 4.64 -13.02 30.16
N CYS B 57 4.88 -11.70 30.16
CA CYS B 57 4.04 -10.77 30.94
C CYS B 57 2.68 -10.49 30.29
N VAL B 58 2.48 -10.97 29.05
CA VAL B 58 1.18 -10.90 28.40
C VAL B 58 0.26 -11.95 29.02
N GLY B 59 -0.83 -11.50 29.63
CA GLY B 59 -1.72 -12.36 30.40
C GLY B 59 -2.80 -13.06 29.60
N ASP B 60 -3.26 -12.42 28.53
CA ASP B 60 -4.32 -12.95 27.67
C ASP B 60 -3.79 -13.19 26.25
N HIS B 61 -4.68 -13.27 25.27
CA HIS B 61 -4.31 -13.44 23.87
C HIS B 61 -3.39 -14.64 23.63
N GLN B 62 -3.63 -15.74 24.34
CA GLN B 62 -2.70 -16.87 24.32
C GLN B 62 -2.71 -17.66 23.02
N ALA B 63 -3.79 -17.57 22.24
CA ALA B 63 -3.79 -18.13 20.87
C ALA B 63 -2.69 -17.46 20.05
N ALA B 64 -2.68 -16.13 20.07
CA ALA B 64 -1.65 -15.34 19.39
C ALA B 64 -0.24 -15.63 19.94
N MET B 65 -0.11 -15.72 21.26
CA MET B 65 1.18 -16.01 21.88
C MET B 65 1.68 -17.41 21.52
N GLN B 66 0.76 -18.36 21.39
CA GLN B 66 1.13 -19.71 20.96
C GLN B 66 1.61 -19.73 19.49
N ILE B 67 1.01 -18.91 18.65
CA ILE B 67 1.49 -18.74 17.27
C ILE B 67 2.93 -18.22 17.27
N ILE B 68 3.20 -17.25 18.15
CA ILE B 68 4.56 -16.71 18.28
C ILE B 68 5.54 -17.78 18.74
N ARG B 69 5.14 -18.58 19.74
CA ARG B 69 5.94 -19.71 20.21
C ARG B 69 6.22 -20.71 19.09
N ASP B 70 5.20 -21.03 18.30
CA ASP B 70 5.35 -21.96 17.18
C ASP B 70 6.40 -21.46 16.18
N ILE B 71 6.36 -20.17 15.84
CA ILE B 71 7.32 -19.60 14.89
C ILE B 71 8.73 -19.59 15.46
N ILE B 72 8.86 -19.30 16.75
CA ILE B 72 10.16 -19.36 17.41
C ILE B 72 10.76 -20.77 17.28
N ASN B 73 9.92 -21.80 17.44
CA ASN B 73 10.36 -23.18 17.30
C ASN B 73 10.79 -23.54 15.87
N GLU B 74 10.05 -23.05 14.88
CA GLU B 74 10.39 -23.30 13.47
C GLU B 74 11.73 -22.65 13.09
N GLU B 75 11.90 -21.40 13.50
CA GLU B 75 13.14 -20.66 13.23
C GLU B 75 14.32 -21.23 14.03
N ALA B 76 14.05 -21.76 15.22
CA ALA B 76 15.07 -22.39 16.06
C ALA B 76 15.56 -23.70 15.45
N ALA B 77 14.60 -24.51 14.98
CA ALA B 77 14.92 -25.78 14.31
C ALA B 77 15.66 -25.54 13.00
N ASP B 78 15.25 -24.51 12.27
CA ASP B 78 15.91 -24.14 11.02
C ASP B 78 17.34 -23.67 11.26
N TRP B 79 17.54 -22.89 12.31
CA TRP B 79 18.88 -22.41 12.71
C TRP B 79 19.84 -23.55 13.07
N ASP B 80 19.33 -24.63 13.65
CA ASP B 80 20.15 -25.80 13.97
C ASP B 80 20.56 -26.55 12.70
N LEU B 81 19.75 -26.42 11.64
CA LEU B 81 20.06 -27.01 10.35
C LEU B 81 21.18 -26.25 9.65
N GLN B 82 21.03 -24.93 9.60
CA GLN B 82 21.96 -24.07 8.87
C GLN B 82 23.27 -23.82 9.63
N HIS B 83 23.21 -23.81 10.96
CA HIS B 83 24.39 -23.54 11.79
C HIS B 83 24.61 -24.60 12.86
N PRO B 84 24.92 -25.85 12.45
CA PRO B 84 25.16 -26.89 13.46
C PRO B 84 26.35 -26.55 14.34
N GLN B 85 26.27 -26.91 15.62
CA GLN B 85 27.22 -26.43 16.61
C GLN B 85 28.29 -27.47 16.93
N PRO B 86 29.54 -27.21 16.48
CA PRO B 86 30.62 -28.13 16.82
C PRO B 86 30.86 -28.07 18.32
N ALA B 87 30.96 -29.23 18.95
CA ALA B 87 31.09 -29.34 20.41
C ALA B 87 32.35 -28.63 20.95
N PRO B 88 32.21 -27.91 22.09
CA PRO B 88 33.37 -27.17 22.59
C PRO B 88 34.30 -28.05 23.43
N GLN B 89 35.60 -27.93 23.19
CA GLN B 89 36.60 -28.59 24.01
C GLN B 89 37.40 -27.52 24.74
N GLN B 90 38.08 -27.93 25.81
CA GLN B 90 38.84 -27.00 26.64
C GLN B 90 37.92 -26.12 27.48
N GLY B 91 36.72 -26.62 27.78
CA GLY B 91 35.81 -25.94 28.72
C GLY B 91 35.29 -24.58 28.30
N GLN B 92 35.32 -24.27 26.99
CA GLN B 92 34.84 -22.98 26.49
C GLN B 92 33.32 -22.98 26.33
N LEU B 93 32.76 -21.79 26.17
CA LEU B 93 31.32 -21.64 25.93
C LEU B 93 30.98 -22.17 24.54
N ARG B 94 29.98 -23.03 24.47
CA ARG B 94 29.46 -23.54 23.20
C ARG B 94 29.01 -22.40 22.28
N GLU B 95 28.98 -22.67 20.98
CA GLU B 95 28.27 -21.83 20.04
C GLU B 95 26.78 -22.03 20.29
N PRO B 96 25.96 -20.98 20.07
CA PRO B 96 24.55 -21.03 20.44
C PRO B 96 23.67 -21.89 19.50
N SER B 97 22.81 -22.70 20.10
CA SER B 97 21.75 -23.40 19.37
C SER B 97 20.53 -22.50 19.22
N GLY B 98 19.50 -23.02 18.53
CA GLY B 98 18.24 -22.31 18.35
C GLY B 98 17.53 -22.01 19.66
N SER B 99 17.52 -22.99 20.58
CA SER B 99 16.92 -22.82 21.89
C SER B 99 17.74 -21.84 22.78
N ASP B 100 19.06 -21.78 22.58
CA ASP B 100 19.90 -20.81 23.28
C ASP B 100 19.57 -19.38 22.86
N ILE B 101 19.34 -19.18 21.55
CA ILE B 101 18.94 -17.87 21.03
C ILE B 101 17.56 -17.47 21.53
N ALA B 102 16.67 -18.45 21.64
CA ALA B 102 15.32 -18.21 22.18
C ALA B 102 15.33 -18.01 23.69
N GLY B 103 16.42 -18.39 24.35
CA GLY B 103 16.62 -18.15 25.78
C GLY B 103 16.06 -19.21 26.70
N THR B 104 15.63 -20.35 26.15
CA THR B 104 15.07 -21.43 26.96
C THR B 104 16.14 -22.38 27.53
N THR B 105 17.29 -22.45 26.87
CA THR B 105 18.39 -23.30 27.32
C THR B 105 19.68 -22.51 27.57
N SER B 106 19.56 -21.18 27.66
CA SER B 106 20.73 -20.32 27.91
C SER B 106 20.42 -19.28 28.99
N SER B 107 21.47 -18.88 29.72
CA SER B 107 21.36 -17.84 30.72
C SER B 107 21.70 -16.48 30.11
N VAL B 108 21.51 -15.42 30.88
CA VAL B 108 21.74 -14.06 30.38
C VAL B 108 23.23 -13.76 30.19
N ASP B 109 24.08 -14.32 31.06
CA ASP B 109 25.53 -14.15 30.95
C ASP B 109 26.09 -14.85 29.70
N GLU B 110 25.54 -16.02 29.37
CA GLU B 110 25.90 -16.72 28.13
C GLU B 110 25.46 -15.91 26.91
N GLN B 111 24.26 -15.33 26.99
CA GLN B 111 23.72 -14.48 25.94
C GLN B 111 24.58 -13.23 25.74
N ILE B 112 24.94 -12.58 26.84
CA ILE B 112 25.81 -11.41 26.80
C ILE B 112 27.19 -11.77 26.26
N GLN B 113 27.71 -12.94 26.65
CA GLN B 113 29.01 -13.39 26.15
C GLN B 113 29.02 -13.55 24.63
N TRP B 114 27.96 -14.13 24.07
CA TRP B 114 27.86 -14.25 22.61
C TRP B 114 27.71 -12.88 21.94
N MET B 115 26.92 -11.98 22.55
CA MET B 115 26.66 -10.66 21.97
C MET B 115 27.88 -9.74 21.95
N TYR B 116 28.79 -9.89 22.91
CA TYR B 116 29.88 -8.93 23.08
C TYR B 116 31.30 -9.51 23.12
N ARG B 117 31.48 -10.80 22.86
CA ARG B 117 32.82 -11.37 22.79
C ARG B 117 33.63 -10.70 21.67
N GLN B 118 34.94 -10.65 21.85
CA GLN B 118 35.84 -9.94 20.92
C GLN B 118 35.82 -10.53 19.52
N GLN B 119 35.88 -11.86 19.42
CA GLN B 119 35.95 -12.56 18.14
C GLN B 119 34.63 -13.28 17.79
N ASN B 120 34.04 -12.90 16.66
CA ASN B 120 32.83 -13.52 16.14
C ASN B 120 31.60 -13.36 17.05
N PRO B 121 31.13 -12.13 17.26
CA PRO B 121 29.96 -11.96 18.10
C PRO B 121 28.70 -12.37 17.34
N ILE B 122 27.73 -12.92 18.07
CA ILE B 122 26.47 -13.33 17.50
C ILE B 122 25.38 -12.57 18.22
N PRO B 123 24.67 -11.67 17.49
CA PRO B 123 23.64 -10.87 18.14
C PRO B 123 22.38 -11.70 18.40
N VAL B 124 22.43 -12.51 19.45
CA VAL B 124 21.33 -13.45 19.75
C VAL B 124 20.04 -12.71 20.07
N GLY B 125 20.15 -11.54 20.69
CA GLY B 125 18.98 -10.72 20.99
C GLY B 125 18.26 -10.29 19.72
N ASN B 126 19.03 -9.77 18.77
CA ASN B 126 18.46 -9.23 17.53
C ASN B 126 17.95 -10.30 16.58
N ILE B 127 18.59 -11.47 16.59
CA ILE B 127 18.12 -12.62 15.82
C ILE B 127 16.76 -13.07 16.35
N TYR B 128 16.66 -13.18 17.67
CA TYR B 128 15.42 -13.57 18.34
C TYR B 128 14.31 -12.57 18.06
N ARG B 129 14.66 -11.29 18.07
CA ARG B 129 13.72 -10.22 17.75
C ARG B 129 13.15 -10.37 16.32
N ARG B 130 13.97 -10.81 15.37
CA ARG B 130 13.48 -11.06 14.00
C ARG B 130 12.46 -12.19 13.96
N TRP B 131 12.72 -13.27 14.70
CA TRP B 131 11.81 -14.42 14.74
C TRP B 131 10.46 -14.01 15.31
N ILE B 132 10.47 -13.20 16.36
CA ILE B 132 9.25 -12.75 17.02
C ILE B 132 8.44 -11.85 16.09
N GLN B 133 9.11 -11.00 15.33
CA GLN B 133 8.47 -10.17 14.30
C GLN B 133 7.68 -11.00 13.29
N LEU B 134 8.26 -12.12 12.86
CA LEU B 134 7.54 -13.04 11.97
C LEU B 134 6.26 -13.55 12.64
N GLY B 135 6.36 -13.91 13.92
CA GLY B 135 5.21 -14.34 14.70
C GLY B 135 4.13 -13.28 14.81
N LEU B 136 4.54 -12.05 15.11
CA LEU B 136 3.61 -10.92 15.23
C LEU B 136 2.89 -10.62 13.93
N GLN B 137 3.59 -10.73 12.80
CA GLN B 137 2.98 -10.52 11.49
C GLN B 137 1.81 -11.45 11.21
N LYS B 138 1.95 -12.73 11.61
CA LYS B 138 0.86 -13.69 11.50
C LYS B 138 -0.31 -13.35 12.42
N CYS B 139 0.01 -12.88 13.63
CA CYS B 139 -1.01 -12.46 14.59
C CYS B 139 -1.79 -11.23 14.08
N VAL B 140 -1.09 -10.30 13.43
CA VAL B 140 -1.76 -9.12 12.83
C VAL B 140 -2.78 -9.54 11.78
N ARG B 141 -2.41 -10.50 10.93
CA ARG B 141 -3.33 -11.11 9.97
C ARG B 141 -4.59 -11.67 10.64
N MET B 142 -4.38 -12.48 11.67
CA MET B 142 -5.47 -13.12 12.41
C MET B 142 -6.43 -12.09 13.01
N TYR B 143 -5.89 -11.03 13.60
CA TYR B 143 -6.72 -10.02 14.28
C TYR B 143 -7.34 -8.98 13.34
N ASN B 144 -6.91 -8.93 12.08
CA ASN B 144 -7.48 -7.97 11.13
C ASN B 144 -8.99 -8.19 10.94
N PRO B 145 -9.81 -7.19 11.29
CA PRO B 145 -11.28 -7.41 11.26
C PRO B 145 -11.87 -7.67 9.86
N THR B 146 -11.39 -6.95 8.85
CA THR B 146 -11.97 -7.01 7.51
C THR B 146 -10.93 -7.43 6.47
N ASN B 147 -11.21 -8.52 5.78
CA ASN B 147 -10.37 -8.95 4.66
C ASN B 147 -10.35 -7.87 3.56
N ILE B 148 -9.20 -7.67 2.94
CA ILE B 148 -9.06 -6.60 1.94
C ILE B 148 -10.07 -6.74 0.80
N LEU B 149 -10.40 -7.98 0.42
CA LEU B 149 -11.37 -8.21 -0.65
C LEU B 149 -12.79 -7.81 -0.25
N ASP B 150 -13.06 -7.75 1.05
CA ASP B 150 -14.36 -7.33 1.57
C ASP B 150 -14.45 -5.81 1.82
N VAL B 151 -13.34 -5.08 1.69
CA VAL B 151 -13.35 -3.63 1.85
C VAL B 151 -13.93 -2.97 0.59
N LYS B 152 -15.18 -2.56 0.68
CA LYS B 152 -15.89 -1.94 -0.43
C LYS B 152 -16.50 -0.63 0.03
N GLN B 153 -16.30 0.42 -0.76
CA GLN B 153 -16.80 1.75 -0.39
C GLN B 153 -18.31 1.72 -0.26
N GLY B 154 -18.83 2.32 0.80
CA GLY B 154 -20.27 2.43 1.00
C GLY B 154 -20.90 3.37 0.00
N PRO B 155 -22.23 3.24 -0.24
CA PRO B 155 -22.93 4.10 -1.19
C PRO B 155 -22.73 5.60 -0.95
N LYS B 156 -22.71 6.01 0.32
CA LYS B 156 -22.51 7.41 0.71
C LYS B 156 -21.26 7.63 1.56
N GLU B 157 -20.36 6.65 1.58
CA GLU B 157 -19.13 6.74 2.37
C GLU B 157 -18.14 7.66 1.65
N PRO B 158 -17.63 8.69 2.35
CA PRO B 158 -16.60 9.54 1.73
C PRO B 158 -15.40 8.72 1.25
N PHE B 159 -14.85 9.09 0.09
CA PHE B 159 -13.73 8.35 -0.50
C PHE B 159 -12.52 8.27 0.44
N GLN B 160 -12.31 9.36 1.18
CA GLN B 160 -11.20 9.43 2.13
C GLN B 160 -11.34 8.37 3.22
N SER B 161 -12.56 8.21 3.74
CA SER B 161 -12.84 7.20 4.75
C SER B 161 -12.60 5.79 4.22
N TYR B 162 -13.01 5.56 2.99
CA TYR B 162 -12.83 4.27 2.33
C TYR B 162 -11.35 3.93 2.15
N VAL B 163 -10.55 4.92 1.76
CA VAL B 163 -9.11 4.73 1.57
C VAL B 163 -8.41 4.37 2.89
N ASP B 164 -8.79 5.02 3.99
CA ASP B 164 -8.26 4.67 5.31
C ASP B 164 -8.48 3.20 5.63
N ARG B 165 -9.71 2.71 5.42
CA ARG B 165 -10.05 1.31 5.68
C ARG B 165 -9.28 0.35 4.75
N PHE B 166 -9.15 0.75 3.49
CA PHE B 166 -8.47 -0.09 2.50
C PHE B 166 -7.00 -0.27 2.86
N TYR B 167 -6.27 0.82 3.04
CA TYR B 167 -4.85 0.76 3.34
C TYR B 167 -4.57 0.10 4.69
N LYS B 168 -5.45 0.31 5.67
CA LYS B 168 -5.29 -0.32 6.98
C LYS B 168 -5.45 -1.84 6.87
N SER B 169 -6.50 -2.28 6.21
CA SER B 169 -6.74 -3.71 5.99
C SER B 169 -5.62 -4.36 5.19
N LEU B 170 -5.18 -3.70 4.12
CA LEU B 170 -4.12 -4.23 3.26
C LEU B 170 -2.83 -4.41 4.04
N ARG B 171 -2.44 -3.37 4.78
CA ARG B 171 -1.25 -3.40 5.63
C ARG B 171 -1.27 -4.58 6.63
N ALA B 172 -2.44 -4.87 7.17
CA ALA B 172 -2.60 -5.94 8.15
C ALA B 172 -2.54 -7.34 7.53
N GLU B 173 -3.05 -7.45 6.31
CA GLU B 173 -3.21 -8.75 5.65
C GLU B 173 -1.91 -9.18 4.97
N GLN B 174 -1.39 -8.29 4.12
CA GLN B 174 -0.29 -8.65 3.23
C GLN B 174 1.05 -8.05 3.65
N THR B 175 2.03 -8.93 3.81
CA THR B 175 3.42 -8.53 4.07
C THR B 175 4.17 -8.25 2.76
N ASP B 176 3.83 -9.00 1.71
CA ASP B 176 4.56 -8.90 0.44
C ASP B 176 4.29 -7.57 -0.27
N ALA B 177 5.36 -6.83 -0.55
CA ALA B 177 5.26 -5.50 -1.16
C ALA B 177 4.66 -5.54 -2.56
N ALA B 178 5.12 -6.48 -3.39
CA ALA B 178 4.62 -6.62 -4.77
C ALA B 178 3.12 -6.92 -4.80
N VAL B 179 2.66 -7.75 -3.88
CA VAL B 179 1.23 -8.08 -3.79
C VAL B 179 0.41 -6.87 -3.31
N LYS B 180 0.93 -6.16 -2.31
CA LYS B 180 0.31 -4.91 -1.86
C LYS B 180 0.20 -3.90 -3.01
N ASN B 181 1.26 -3.81 -3.80
CA ASN B 181 1.32 -2.90 -4.95
C ASN B 181 0.23 -3.23 -5.99
N ALA B 182 0.07 -4.51 -6.30
CA ALA B 182 -0.95 -4.96 -7.25
C ALA B 182 -2.36 -4.70 -6.72
N ALA B 183 -2.56 -4.92 -5.42
CA ALA B 183 -3.85 -4.71 -4.77
C ALA B 183 -4.30 -3.26 -4.85
N THR B 184 -3.40 -2.34 -4.51
CA THR B 184 -3.69 -0.90 -4.57
C THR B 184 -4.01 -0.43 -5.99
N GLN B 185 -3.21 -0.87 -6.96
CA GLN B 185 -3.38 -0.48 -8.37
C GLN B 185 -4.76 -0.81 -8.94
N THR B 186 -5.25 -2.02 -8.66
CA THR B 186 -6.47 -2.51 -9.28
C THR B 186 -7.66 -2.55 -8.33
N LEU B 187 -7.46 -3.15 -7.16
CA LEU B 187 -8.55 -3.43 -6.23
C LEU B 187 -9.18 -2.17 -5.62
N LEU B 188 -8.38 -1.12 -5.44
CA LEU B 188 -8.85 0.13 -4.84
C LEU B 188 -9.91 0.81 -5.69
N ILE B 189 -9.64 0.93 -6.99
CA ILE B 189 -10.61 1.51 -7.93
C ILE B 189 -11.77 0.55 -8.15
N GLN B 190 -11.45 -0.74 -8.26
CA GLN B 190 -12.45 -1.79 -8.47
C GLN B 190 -13.52 -1.82 -7.37
N ASN B 191 -13.11 -1.61 -6.12
CA ASN B 191 -14.03 -1.67 -4.98
C ASN B 191 -14.63 -0.32 -4.54
N ALA B 192 -14.36 0.74 -5.31
CA ALA B 192 -15.00 2.03 -5.07
C ALA B 192 -16.46 1.98 -5.51
N ASN B 193 -17.27 2.89 -4.99
CA ASN B 193 -18.69 2.95 -5.37
C ASN B 193 -18.86 3.53 -6.77
N PRO B 194 -20.03 3.30 -7.41
CA PRO B 194 -20.23 3.75 -8.79
C PRO B 194 -19.90 5.22 -9.08
N ASP B 195 -20.25 6.12 -8.16
CA ASP B 195 -20.03 7.55 -8.38
C ASP B 195 -18.54 7.91 -8.36
N CYS B 196 -17.81 7.39 -7.38
CA CYS B 196 -16.37 7.61 -7.30
C CYS B 196 -15.61 6.89 -8.41
N LYS B 197 -16.05 5.69 -8.77
CA LYS B 197 -15.50 4.96 -9.93
C LYS B 197 -15.51 5.80 -11.20
N LEU B 198 -16.65 6.42 -11.50
CA LEU B 198 -16.82 7.21 -12.70
C LEU B 198 -15.79 8.35 -12.80
N VAL B 199 -15.46 8.94 -11.65
CA VAL B 199 -14.44 9.99 -11.59
C VAL B 199 -13.04 9.39 -11.71
N LEU B 200 -12.78 8.31 -10.96
CA LEU B 200 -11.45 7.68 -10.96
C LEU B 200 -11.04 7.16 -12.35
N LYS B 201 -11.99 6.74 -13.17
CA LYS B 201 -11.69 6.22 -14.52
C LYS B 201 -11.13 7.29 -15.46
N GLY B 202 -11.30 8.57 -15.12
CA GLY B 202 -10.79 9.66 -15.94
C GLY B 202 -9.40 10.17 -15.58
N LEU B 203 -8.76 9.56 -14.58
CA LEU B 203 -7.50 10.10 -14.03
C LEU B 203 -6.22 9.48 -14.59
N GLY B 204 -6.34 8.58 -15.56
CA GLY B 204 -5.17 7.98 -16.21
C GLY B 204 -4.78 6.64 -15.60
N VAL B 205 -3.58 6.18 -15.91
CA VAL B 205 -3.14 4.83 -15.55
C VAL B 205 -2.49 4.71 -14.17
N ASN B 206 -1.81 5.77 -13.73
CA ASN B 206 -1.13 5.73 -12.43
C ASN B 206 -1.35 7.03 -11.64
N PRO B 207 -2.61 7.30 -11.24
CA PRO B 207 -2.91 8.50 -10.48
C PRO B 207 -2.38 8.40 -9.06
N THR B 208 -1.86 9.51 -8.54
CA THR B 208 -1.37 9.55 -7.17
C THR B 208 -2.54 9.61 -6.21
N LEU B 209 -2.27 9.32 -4.94
CA LEU B 209 -3.31 9.34 -3.92
C LEU B 209 -3.90 10.75 -3.75
N GLU B 210 -3.06 11.78 -3.84
CA GLU B 210 -3.55 13.16 -3.77
C GLU B 210 -4.58 13.44 -4.86
N GLU B 211 -4.26 13.05 -6.09
CA GLU B 211 -5.15 13.26 -7.23
C GLU B 211 -6.49 12.55 -7.05
N MET B 212 -6.44 11.28 -6.64
CA MET B 212 -7.65 10.50 -6.39
C MET B 212 -8.51 11.12 -5.28
N LEU B 213 -7.87 11.53 -4.19
CA LEU B 213 -8.57 12.16 -3.06
C LEU B 213 -9.22 13.49 -3.46
N THR B 214 -8.47 14.31 -4.18
CA THR B 214 -9.00 15.60 -4.63
C THR B 214 -10.18 15.43 -5.58
N ALA B 215 -10.06 14.51 -6.52
CA ALA B 215 -11.10 14.29 -7.52
C ALA B 215 -12.41 13.76 -6.93
N CYS B 216 -12.33 12.96 -5.86
CA CYS B 216 -13.53 12.38 -5.23
C CYS B 216 -14.09 13.20 -4.06
N GLN B 217 -13.43 14.31 -3.73
CA GLN B 217 -13.89 15.20 -2.64
C GLN B 217 -15.40 15.48 -2.73
N GLY B 218 -16.16 14.89 -1.81
CA GLY B 218 -17.59 15.12 -1.72
C GLY B 218 -18.50 14.45 -2.73
N VAL B 219 -18.01 13.49 -3.51
CA VAL B 219 -18.93 12.76 -4.43
C VAL B 219 -19.51 11.54 -3.74
N PRO C 1 18.33 7.62 18.70
CA PRO C 1 19.39 8.61 18.66
C PRO C 1 20.79 7.98 18.63
N VAL C 2 21.81 8.78 18.91
CA VAL C 2 23.20 8.31 18.84
C VAL C 2 23.91 8.64 20.15
N GLN C 3 24.79 7.72 20.57
CA GLN C 3 25.61 7.92 21.76
C GLN C 3 27.05 7.53 21.45
N GLN C 4 27.98 8.02 22.27
CA GLN C 4 29.39 7.73 22.10
C GLN C 4 29.95 7.01 23.32
N ILE C 5 30.13 5.70 23.19
CA ILE C 5 30.82 4.90 24.22
C ILE C 5 32.22 4.57 23.69
N GLY C 6 33.24 4.88 24.48
CA GLY C 6 34.62 4.79 24.01
C GLY C 6 34.91 5.91 23.03
N GLY C 7 35.41 5.55 21.85
CA GLY C 7 35.66 6.51 20.78
C GLY C 7 34.76 6.31 19.56
N ASN C 8 33.79 5.41 19.67
CA ASN C 8 32.92 5.04 18.56
C ASN C 8 31.49 5.48 18.82
N TYR C 9 30.83 6.01 17.80
CA TYR C 9 29.42 6.36 17.89
C TYR C 9 28.56 5.13 17.63
N VAL C 10 27.55 4.93 18.48
CA VAL C 10 26.67 3.77 18.38
C VAL C 10 25.22 4.18 18.63
N HIS C 11 24.29 3.29 18.30
CA HIS C 11 22.86 3.58 18.42
C HIS C 11 22.41 3.66 19.88
N LEU C 12 21.57 4.66 20.14
CA LEU C 12 20.93 4.85 21.43
C LEU C 12 19.47 4.52 21.16
N CYS C 13 18.87 3.65 21.97
CA CYS C 13 17.50 3.23 21.71
C CYS C 13 16.53 4.41 21.88
N LEU C 14 15.58 4.52 20.97
CA LEU C 14 14.55 5.56 21.05
C LEU C 14 13.73 5.36 22.33
N SER C 15 13.47 6.45 23.03
CA SER C 15 12.77 6.41 24.31
C SER C 15 11.28 6.05 24.10
N PRO C 16 10.76 5.09 24.88
CA PRO C 16 9.34 4.77 24.79
C PRO C 16 8.42 5.96 25.09
N ARG C 17 8.84 6.82 26.02
CA ARG C 17 8.07 8.04 26.31
C ARG C 17 7.97 8.94 25.08
N THR C 18 9.09 9.13 24.39
CA THR C 18 9.10 9.93 23.17
C THR C 18 8.20 9.30 22.10
N LEU C 19 8.34 7.99 21.92
CA LEU C 19 7.54 7.26 20.96
C LEU C 19 6.06 7.39 21.28
N ASN C 20 5.71 7.18 22.55
CA ASN C 20 4.33 7.29 22.99
C ASN C 20 3.76 8.70 22.81
N ALA C 21 4.59 9.72 23.05
CA ALA C 21 4.16 11.11 22.89
C ALA C 21 3.80 11.41 21.44
N TRP C 22 4.56 10.84 20.50
CA TRP C 22 4.28 10.98 19.08
C TRP C 22 2.99 10.30 18.68
N VAL C 23 2.80 9.05 19.12
CA VAL C 23 1.60 8.28 18.81
C VAL C 23 0.35 8.98 19.35
N LYS C 24 0.42 9.51 20.57
CA LYS C 24 -0.72 10.19 21.18
C LYS C 24 -1.04 11.51 20.46
N LEU C 25 0.01 12.22 20.03
CA LEU C 25 -0.16 13.46 19.27
C LEU C 25 -1.03 13.22 18.02
N ILE C 26 -0.68 12.19 17.24
CA ILE C 26 -1.46 11.85 16.05
C ILE C 26 -2.88 11.43 16.44
N GLU C 27 -3.00 10.56 17.44
CA GLU C 27 -4.30 10.08 17.90
C GLU C 27 -5.22 11.22 18.36
N GLU C 28 -4.66 12.15 19.12
CA GLU C 28 -5.44 13.22 19.73
C GLU C 28 -5.65 14.42 18.80
N LYS C 29 -4.58 14.87 18.14
CA LYS C 29 -4.62 16.09 17.34
C LYS C 29 -4.86 15.84 15.84
N LYS C 30 -4.70 14.60 15.41
CA LYS C 30 -4.90 14.17 14.00
C LYS C 30 -4.72 15.25 12.93
N PHE C 31 -3.46 15.60 12.70
CA PHE C 31 -3.03 16.48 11.60
C PHE C 31 -3.55 17.93 11.64
N GLY C 32 -3.77 18.44 12.84
CA GLY C 32 -3.80 19.88 13.05
C GLY C 32 -2.39 20.42 12.81
N ALA C 33 -2.27 21.73 12.61
CA ALA C 33 -0.98 22.37 12.32
C ALA C 33 0.14 22.01 13.32
N GLU C 34 -0.24 21.76 14.58
CA GLU C 34 0.73 21.44 15.63
C GLU C 34 1.52 20.14 15.44
N VAL C 35 1.04 19.22 14.59
CA VAL C 35 1.78 17.99 14.34
C VAL C 35 3.14 18.23 13.69
N VAL C 36 3.27 19.34 12.96
CA VAL C 36 4.52 19.67 12.28
C VAL C 36 5.66 19.99 13.26
N PRO C 37 5.48 20.98 14.14
CA PRO C 37 6.53 21.22 15.16
C PRO C 37 6.62 20.10 16.20
N GLY C 38 5.50 19.41 16.44
CA GLY C 38 5.49 18.24 17.31
C GLY C 38 6.45 17.17 16.82
N PHE C 39 6.36 16.83 15.54
CA PHE C 39 7.29 15.87 14.94
C PHE C 39 8.74 16.35 15.03
N GLN C 40 8.96 17.62 14.70
CA GLN C 40 10.30 18.21 14.75
C GLN C 40 10.95 18.04 16.14
N ALA C 41 10.18 18.36 17.19
CA ALA C 41 10.66 18.22 18.56
C ALA C 41 10.92 16.76 18.94
N LEU C 42 9.93 15.90 18.66
CA LEU C 42 9.98 14.51 19.08
C LEU C 42 10.95 13.67 18.25
N SER C 43 11.28 14.10 17.03
CA SER C 43 12.27 13.41 16.19
C SER C 43 13.68 13.97 16.36
N CYS C 44 13.86 14.90 17.29
CA CYS C 44 15.16 15.54 17.49
C CYS C 44 16.22 14.52 17.85
N GLY C 45 17.37 14.61 17.18
CA GLY C 45 18.49 13.72 17.41
C GLY C 45 18.34 12.31 16.86
N CYS C 46 17.29 12.04 16.08
CA CYS C 46 16.99 10.68 15.62
C CYS C 46 17.66 10.29 14.30
N THR C 47 17.91 9.00 14.14
CA THR C 47 18.32 8.43 12.86
C THR C 47 17.08 8.08 12.05
N PRO C 48 17.23 7.83 10.74
CA PRO C 48 16.09 7.36 9.95
C PRO C 48 15.43 6.09 10.51
N TYR C 49 16.25 5.18 11.04
CA TYR C 49 15.76 3.98 11.70
C TYR C 49 14.78 4.30 12.83
N ASP C 50 15.13 5.29 13.65
CA ASP C 50 14.27 5.72 14.75
C ASP C 50 13.00 6.36 14.22
N ILE C 51 13.14 7.18 13.19
CA ILE C 51 12.02 7.92 12.61
C ILE C 51 10.98 6.97 12.00
N ASN C 52 11.44 5.89 11.39
CA ASN C 52 10.53 4.90 10.81
C ASN C 52 9.72 4.14 11.89
N GLN C 53 10.33 3.91 13.05
CA GLN C 53 9.60 3.38 14.19
C GLN C 53 8.45 4.32 14.59
N MET C 54 8.74 5.61 14.65
CA MET C 54 7.72 6.62 14.97
C MET C 54 6.57 6.63 13.96
N LEU C 55 6.90 6.65 12.67
CA LEU C 55 5.88 6.70 11.63
C LEU C 55 5.08 5.41 11.50
N ASN C 56 5.76 4.27 11.61
CA ASN C 56 5.09 2.97 11.53
C ASN C 56 4.26 2.62 12.78
N CYS C 57 4.53 3.28 13.90
CA CYS C 57 3.72 3.09 15.11
C CYS C 57 2.35 3.77 15.03
N VAL C 58 2.13 4.57 13.99
CA VAL C 58 0.80 5.12 13.71
C VAL C 58 -0.08 4.01 13.13
N GLY C 59 -1.17 3.70 13.82
CA GLY C 59 -2.03 2.57 13.47
C GLY C 59 -3.22 2.90 12.58
N ASP C 60 -3.65 4.16 12.59
CA ASP C 60 -4.77 4.61 11.76
C ASP C 60 -4.26 5.68 10.78
N HIS C 61 -5.17 6.46 10.20
CA HIS C 61 -4.79 7.56 9.30
C HIS C 61 -3.88 7.11 8.14
N GLN C 62 -4.14 5.94 7.58
CA GLN C 62 -3.22 5.36 6.61
C GLN C 62 -3.23 6.03 5.23
N ALA C 63 -4.28 6.78 4.91
CA ALA C 63 -4.27 7.61 3.71
C ALA C 63 -3.22 8.71 3.85
N ALA C 64 -3.24 9.39 5.00
CA ALA C 64 -2.25 10.43 5.31
C ALA C 64 -0.82 9.91 5.28
N MET C 65 -0.59 8.71 5.84
CA MET C 65 0.75 8.13 5.88
C MET C 65 1.24 7.79 4.48
N GLN C 66 0.31 7.43 3.59
CA GLN C 66 0.63 7.22 2.19
C GLN C 66 0.99 8.54 1.47
N ILE C 67 0.30 9.61 1.83
CA ILE C 67 0.63 10.95 1.31
C ILE C 67 2.05 11.32 1.73
N ILE C 68 2.39 11.07 2.99
CA ILE C 68 3.73 11.32 3.50
C ILE C 68 4.75 10.44 2.77
N ARG C 69 4.39 9.18 2.55
CA ARG C 69 5.23 8.23 1.84
C ARG C 69 5.49 8.70 0.39
N ASP C 70 4.45 9.20 -0.28
CA ASP C 70 4.59 9.74 -1.63
C ASP C 70 5.56 10.91 -1.68
N ILE C 71 5.48 11.80 -0.69
CA ILE C 71 6.39 12.95 -0.59
C ILE C 71 7.83 12.49 -0.31
N ILE C 72 7.98 11.46 0.52
CA ILE C 72 9.31 10.88 0.78
C ILE C 72 9.92 10.35 -0.51
N ASN C 73 9.12 9.67 -1.33
CA ASN C 73 9.61 9.08 -2.58
C ASN C 73 9.99 10.14 -3.62
N GLU C 74 9.21 11.22 -3.71
CA GLU C 74 9.55 12.35 -4.58
C GLU C 74 10.88 12.99 -4.19
N GLU C 75 11.08 13.22 -2.89
CA GLU C 75 12.31 13.82 -2.38
C GLU C 75 13.52 12.87 -2.49
N ALA C 76 13.26 11.57 -2.45
CA ALA C 76 14.32 10.57 -2.63
C ALA C 76 14.85 10.57 -4.06
N ALA C 77 13.93 10.54 -5.03
CA ALA C 77 14.30 10.55 -6.45
C ALA C 77 14.99 11.86 -6.86
N ASP C 78 14.59 12.96 -6.23
CA ASP C 78 15.21 14.26 -6.44
C ASP C 78 16.64 14.27 -5.91
N TRP C 79 16.84 13.65 -4.75
CA TRP C 79 18.18 13.50 -4.16
C TRP C 79 19.11 12.69 -5.05
N ASP C 80 18.59 11.60 -5.62
CA ASP C 80 19.38 10.75 -6.52
C ASP C 80 19.83 11.50 -7.78
N LEU C 81 18.96 12.34 -8.32
CA LEU C 81 19.31 13.17 -9.48
C LEU C 81 20.30 14.28 -9.09
N GLN C 82 20.05 14.94 -7.97
CA GLN C 82 20.90 16.03 -7.50
C GLN C 82 22.28 15.58 -6.98
N HIS C 83 22.33 14.39 -6.38
CA HIS C 83 23.55 13.87 -5.78
C HIS C 83 23.78 12.41 -6.17
N PRO C 84 24.17 12.15 -7.44
CA PRO C 84 24.33 10.76 -7.88
C PRO C 84 25.53 10.11 -7.21
N GLN C 85 25.51 8.79 -7.09
CA GLN C 85 26.42 8.09 -6.21
C GLN C 85 27.40 7.19 -6.97
N PRO C 86 28.69 7.59 -6.99
CA PRO C 86 29.73 6.80 -7.64
C PRO C 86 29.97 5.47 -6.92
N ALA C 87 30.15 4.40 -7.69
CA ALA C 87 30.38 3.06 -7.14
C ALA C 87 31.47 3.06 -6.06
N PRO C 88 31.12 2.59 -4.84
CA PRO C 88 32.12 2.66 -3.76
C PRO C 88 33.47 2.02 -4.08
N GLN C 89 34.55 2.75 -3.79
CA GLN C 89 35.88 2.23 -4.00
C GLN C 89 36.31 1.38 -2.81
N GLN C 90 37.05 0.32 -3.12
CA GLN C 90 37.90 -0.37 -2.13
C GLN C 90 37.18 -0.89 -0.88
N GLY C 91 36.03 -1.53 -1.08
CA GLY C 91 35.29 -2.21 0.00
C GLY C 91 34.82 -1.23 1.05
N GLN C 92 34.39 -0.07 0.61
CA GLN C 92 34.16 1.03 1.49
C GLN C 92 32.67 1.33 1.47
N LEU C 93 32.18 2.14 2.41
CA LEU C 93 30.74 2.45 2.47
C LEU C 93 30.33 3.39 1.34
N ARG C 94 29.22 3.06 0.68
CA ARG C 94 28.70 3.88 -0.41
C ARG C 94 28.26 5.24 0.11
N GLU C 95 28.12 6.19 -0.80
CA GLU C 95 27.42 7.42 -0.50
C GLU C 95 25.93 7.08 -0.49
N PRO C 96 25.14 7.73 0.38
CA PRO C 96 23.75 7.36 0.54
C PRO C 96 22.86 7.79 -0.63
N SER C 97 21.96 6.89 -1.04
CA SER C 97 20.91 7.21 -2.00
C SER C 97 19.71 7.75 -1.23
N GLY C 98 18.67 8.13 -1.96
CA GLY C 98 17.42 8.60 -1.38
C GLY C 98 16.78 7.58 -0.46
N SER C 99 16.79 6.32 -0.89
CA SER C 99 16.24 5.22 -0.09
C SER C 99 17.05 4.95 1.18
N ASP C 100 18.37 5.17 1.10
CA ASP C 100 19.25 5.05 2.29
C ASP C 100 18.92 6.11 3.32
N ILE C 101 18.62 7.32 2.86
CA ILE C 101 18.26 8.44 3.73
C ILE C 101 16.90 8.19 4.40
N ALA C 102 15.97 7.60 3.66
CA ALA C 102 14.66 7.23 4.19
C ALA C 102 14.71 5.99 5.11
N GLY C 103 15.85 5.31 5.15
CA GLY C 103 16.05 4.17 6.03
C GLY C 103 15.50 2.84 5.54
N THR C 104 15.09 2.78 4.28
CA THR C 104 14.50 1.57 3.71
C THR C 104 15.56 0.58 3.21
N THR C 105 16.68 1.12 2.70
CA THR C 105 17.77 0.30 2.18
C THR C 105 19.09 0.51 2.93
N SER C 106 19.01 1.02 4.16
CA SER C 106 20.20 1.23 4.99
C SER C 106 19.97 0.78 6.43
N SER C 107 21.05 0.40 7.11
CA SER C 107 20.99 0.02 8.52
C SER C 107 21.26 1.23 9.40
N VAL C 108 21.12 1.06 10.71
CA VAL C 108 21.35 2.15 11.67
C VAL C 108 22.82 2.52 11.71
N ASP C 109 23.69 1.51 11.66
CA ASP C 109 25.14 1.73 11.73
C ASP C 109 25.65 2.47 10.50
N GLU C 110 25.10 2.14 9.33
CA GLU C 110 25.41 2.86 8.10
C GLU C 110 24.99 4.33 8.20
N GLN C 111 23.80 4.55 8.73
CA GLN C 111 23.27 5.91 8.96
C GLN C 111 24.17 6.70 9.90
N ILE C 112 24.55 6.08 11.00
CA ILE C 112 25.44 6.71 11.98
C ILE C 112 26.81 7.03 11.38
N GLN C 113 27.31 6.15 10.51
CA GLN C 113 28.60 6.42 9.87
C GLN C 113 28.54 7.66 8.98
N TRP C 114 27.46 7.81 8.22
CA TRP C 114 27.30 9.01 7.38
C TRP C 114 27.16 10.28 8.22
N MET C 115 26.45 10.18 9.35
CA MET C 115 26.19 11.34 10.20
C MET C 115 27.44 11.80 10.97
N TYR C 116 28.34 10.87 11.30
CA TYR C 116 29.46 11.19 12.19
C TYR C 116 30.86 10.83 11.68
N ARG C 117 30.99 10.47 10.40
CA ARG C 117 32.31 10.34 9.80
C ARG C 117 33.03 11.70 9.83
N GLN C 118 34.35 11.65 9.94
CA GLN C 118 35.16 12.86 10.11
C GLN C 118 35.19 13.74 8.86
N GLN C 119 35.13 13.11 7.68
CA GLN C 119 35.22 13.83 6.43
C GLN C 119 33.90 13.81 5.67
N ASN C 120 33.37 15.00 5.42
CA ASN C 120 32.10 15.17 4.71
C ASN C 120 30.92 14.46 5.38
N PRO C 121 30.64 14.81 6.66
CA PRO C 121 29.44 14.22 7.30
C PRO C 121 28.16 14.55 6.52
N ILE C 122 27.21 13.62 6.52
CA ILE C 122 25.91 13.83 5.87
C ILE C 122 24.81 13.52 6.87
N PRO C 123 24.10 14.56 7.36
CA PRO C 123 23.10 14.36 8.39
C PRO C 123 21.82 13.76 7.82
N VAL C 124 21.85 12.45 7.55
CA VAL C 124 20.75 11.76 6.89
C VAL C 124 19.45 11.79 7.70
N GLY C 125 19.58 11.80 9.02
CA GLY C 125 18.43 11.94 9.91
C GLY C 125 17.70 13.26 9.71
N ASN C 126 18.45 14.36 9.73
CA ASN C 126 17.85 15.70 9.59
C ASN C 126 17.32 15.97 8.19
N ILE C 127 17.94 15.38 7.18
CA ILE C 127 17.46 15.49 5.80
C ILE C 127 16.11 14.78 5.66
N TYR C 128 16.00 13.61 6.28
CA TYR C 128 14.77 12.83 6.24
C TYR C 128 13.65 13.52 7.00
N ARG C 129 14.00 14.13 8.13
CA ARG C 129 13.04 14.92 8.90
C ARG C 129 12.46 16.09 8.08
N ARG C 130 13.31 16.72 7.26
CA ARG C 130 12.85 17.78 6.36
C ARG C 130 11.85 17.24 5.34
N TRP C 131 12.11 16.04 4.81
CA TRP C 131 11.20 15.41 3.85
C TRP C 131 9.84 15.10 4.49
N ILE C 132 9.89 14.58 5.73
CA ILE C 132 8.67 14.22 6.45
C ILE C 132 7.85 15.46 6.82
N GLN C 133 8.53 16.54 7.21
CA GLN C 133 7.85 17.82 7.48
C GLN C 133 7.03 18.29 6.28
N LEU C 134 7.61 18.18 5.09
CA LEU C 134 6.89 18.54 3.86
C LEU C 134 5.63 17.68 3.69
N GLY C 135 5.76 16.38 3.95
CA GLY C 135 4.60 15.48 3.91
C GLY C 135 3.54 15.82 4.95
N LEU C 136 3.98 16.17 6.16
CA LEU C 136 3.05 16.56 7.23
C LEU C 136 2.32 17.86 6.89
N GLN C 137 3.05 18.83 6.36
CA GLN C 137 2.44 20.10 5.93
C GLN C 137 1.34 19.86 4.90
N LYS C 138 1.58 18.90 4.00
CA LYS C 138 0.60 18.53 2.99
C LYS C 138 -0.65 17.91 3.62
N CYS C 139 -0.45 17.08 4.64
CA CYS C 139 -1.57 16.49 5.38
C CYS C 139 -2.38 17.55 6.14
N VAL C 140 -1.69 18.51 6.74
CA VAL C 140 -2.37 19.61 7.44
C VAL C 140 -3.29 20.38 6.48
N ARG C 141 -2.78 20.75 5.31
CA ARG C 141 -3.58 21.44 4.29
C ARG C 141 -4.75 20.57 3.84
N MET C 142 -4.44 19.31 3.57
CA MET C 142 -5.43 18.41 2.99
C MET C 142 -6.59 18.12 3.94
N TYR C 143 -6.33 18.11 5.25
CA TYR C 143 -7.36 17.77 6.22
C TYR C 143 -7.81 18.94 7.11
N ASN C 144 -7.46 20.16 6.70
CA ASN C 144 -8.00 21.37 7.28
C ASN C 144 -9.52 21.40 7.04
N PRO C 145 -10.33 21.40 8.13
CA PRO C 145 -11.78 21.32 7.98
C PRO C 145 -12.42 22.50 7.22
N THR C 146 -12.04 23.72 7.57
CA THR C 146 -12.62 24.92 6.96
C THR C 146 -11.55 25.73 6.22
N ASN C 147 -11.73 25.91 4.93
CA ASN C 147 -10.82 26.77 4.16
C ASN C 147 -10.93 28.21 4.62
N ILE C 148 -9.79 28.92 4.57
CA ILE C 148 -9.73 30.31 5.02
C ILE C 148 -10.79 31.22 4.37
N LEU C 149 -11.08 30.98 3.09
CA LEU C 149 -12.09 31.79 2.38
C LEU C 149 -13.52 31.50 2.84
N ASP C 150 -13.73 30.34 3.45
CA ASP C 150 -15.04 29.97 4.01
C ASP C 150 -15.24 30.43 5.46
N VAL C 151 -14.19 30.90 6.11
CA VAL C 151 -14.30 31.39 7.49
C VAL C 151 -14.94 32.78 7.51
N LYS C 152 -16.19 32.83 7.94
CA LYS C 152 -16.94 34.08 8.01
C LYS C 152 -17.59 34.20 9.37
N GLN C 153 -17.53 35.38 9.97
CA GLN C 153 -18.08 35.60 11.29
C GLN C 153 -19.60 35.40 11.27
N GLY C 154 -20.09 34.59 12.19
CA GLY C 154 -21.52 34.35 12.32
C GLY C 154 -22.24 35.61 12.79
N PRO C 155 -23.57 35.70 12.54
CA PRO C 155 -24.38 36.85 12.90
C PRO C 155 -24.18 37.35 14.35
N LYS C 156 -24.06 36.42 15.29
CA LYS C 156 -23.83 36.76 16.71
C LYS C 156 -22.62 36.03 17.32
N GLU C 157 -21.70 35.59 16.48
CA GLU C 157 -20.46 34.99 16.95
C GLU C 157 -19.56 36.09 17.51
N PRO C 158 -19.05 35.94 18.75
CA PRO C 158 -18.10 36.91 19.28
C PRO C 158 -16.88 37.07 18.38
N PHE C 159 -16.37 38.29 18.27
CA PHE C 159 -15.26 38.58 17.36
C PHE C 159 -14.02 37.73 17.66
N GLN C 160 -13.75 37.48 18.94
CA GLN C 160 -12.60 36.70 19.36
C GLN C 160 -12.64 35.24 18.86
N SER C 161 -13.83 34.64 18.87
CA SER C 161 -14.01 33.27 18.37
C SER C 161 -13.81 33.20 16.85
N TYR C 162 -14.31 34.22 16.15
CA TYR C 162 -14.13 34.34 14.71
C TYR C 162 -12.66 34.44 14.34
N VAL C 163 -11.93 35.28 15.08
CA VAL C 163 -10.49 35.47 14.85
C VAL C 163 -9.70 34.18 15.15
N ASP C 164 -10.09 33.45 16.19
CA ASP C 164 -9.50 32.14 16.48
C ASP C 164 -9.66 31.21 15.26
N ARG C 165 -10.88 31.11 14.74
CA ARG C 165 -11.14 30.25 13.58
C ARG C 165 -10.37 30.73 12.34
N PHE C 166 -10.29 32.04 12.16
CA PHE C 166 -9.60 32.63 11.02
C PHE C 166 -8.12 32.27 11.00
N TYR C 167 -7.41 32.58 12.07
CA TYR C 167 -5.98 32.32 12.11
C TYR C 167 -5.63 30.84 12.24
N LYS C 168 -6.56 30.03 12.73
CA LYS C 168 -6.38 28.58 12.73
C LYS C 168 -6.40 28.05 11.29
N SER C 169 -7.41 28.46 10.53
CA SER C 169 -7.52 28.07 9.10
C SER C 169 -6.33 28.57 8.29
N LEU C 170 -5.98 29.84 8.48
CA LEU C 170 -4.88 30.47 7.76
C LEU C 170 -3.58 29.70 7.98
N ARG C 171 -3.28 29.40 9.24
CA ARG C 171 -2.06 28.68 9.58
C ARG C 171 -2.02 27.30 8.93
N ALA C 172 -3.17 26.64 8.83
CA ALA C 172 -3.27 25.33 8.20
C ALA C 172 -2.98 25.35 6.69
N GLU C 173 -3.14 26.49 6.04
CA GLU C 173 -2.91 26.59 4.59
C GLU C 173 -1.44 26.83 4.31
N THR C 184 -3.91 39.81 4.37
CA THR C 184 -4.83 38.94 5.10
C THR C 184 -5.74 39.75 6.05
N GLN C 185 -5.27 40.92 6.46
CA GLN C 185 -6.09 41.84 7.26
C GLN C 185 -7.34 42.27 6.53
N THR C 186 -7.22 42.50 5.22
CA THR C 186 -8.36 42.85 4.39
C THR C 186 -9.43 41.76 4.40
N LEU C 187 -8.98 40.50 4.29
CA LEU C 187 -9.89 39.35 4.30
C LEU C 187 -10.57 39.19 5.67
N LEU C 188 -9.83 39.46 6.75
CA LEU C 188 -10.38 39.37 8.11
C LEU C 188 -11.55 40.34 8.30
N ILE C 189 -11.35 41.58 7.88
CA ILE C 189 -12.39 42.62 7.97
C ILE C 189 -13.54 42.32 7.00
N GLN C 190 -13.20 41.92 5.78
CA GLN C 190 -14.19 41.59 4.75
C GLN C 190 -15.18 40.50 5.20
N ASN C 191 -14.65 39.43 5.78
CA ASN C 191 -15.48 38.29 6.20
C ASN C 191 -16.09 38.44 7.61
N ALA C 192 -15.87 39.57 8.27
CA ALA C 192 -16.51 39.86 9.55
C ALA C 192 -17.97 40.28 9.32
N ASN C 193 -18.78 40.18 10.36
CA ASN C 193 -20.21 40.46 10.27
C ASN C 193 -20.49 41.97 10.25
N PRO C 194 -21.70 42.39 9.81
CA PRO C 194 -22.02 43.82 9.67
C PRO C 194 -21.76 44.69 10.90
N ASP C 195 -22.07 44.16 12.09
CA ASP C 195 -21.89 44.92 13.34
C ASP C 195 -20.42 45.22 13.62
N CYS C 196 -19.59 44.17 13.63
CA CYS C 196 -18.15 44.34 13.86
C CYS C 196 -17.44 45.04 12.70
N LYS C 197 -17.99 44.89 11.49
CA LYS C 197 -17.45 45.54 10.29
C LYS C 197 -17.50 47.06 10.39
N LEU C 198 -18.60 47.58 10.95
CA LEU C 198 -18.74 49.03 11.19
C LEU C 198 -17.71 49.52 12.20
N VAL C 199 -17.56 48.77 13.28
CA VAL C 199 -16.63 49.13 14.35
C VAL C 199 -15.18 49.12 13.85
N LEU C 200 -14.83 48.08 13.09
CA LEU C 200 -13.48 47.94 12.54
C LEU C 200 -13.14 49.05 11.55
N LYS C 201 -14.13 49.46 10.75
CA LYS C 201 -13.96 50.54 9.78
C LYS C 201 -13.64 51.86 10.46
N GLY C 202 -14.20 52.08 11.66
CA GLY C 202 -13.97 53.31 12.43
C GLY C 202 -12.67 53.37 13.22
N LEU C 203 -11.81 52.35 13.08
CA LEU C 203 -10.51 52.31 13.77
C LEU C 203 -9.37 52.91 12.94
N GLY C 204 -9.69 53.43 11.75
CA GLY C 204 -8.71 54.11 10.93
C GLY C 204 -7.89 53.17 10.07
N VAL C 205 -6.72 53.63 9.65
CA VAL C 205 -5.85 52.89 8.76
C VAL C 205 -4.95 51.97 9.58
N ASN C 206 -4.94 50.69 9.26
CA ASN C 206 -4.10 49.69 9.92
C ASN C 206 -4.21 49.64 11.45
N PRO C 207 -5.40 49.34 11.97
CA PRO C 207 -5.45 49.05 13.40
C PRO C 207 -4.71 47.76 13.71
N THR C 208 -4.10 47.66 14.89
CA THR C 208 -3.49 46.41 15.32
C THR C 208 -4.59 45.42 15.68
N LEU C 209 -4.25 44.13 15.69
CA LEU C 209 -5.20 43.09 16.09
C LEU C 209 -5.71 43.33 17.52
N GLU C 210 -4.82 43.75 18.40
CA GLU C 210 -5.17 44.09 19.79
C GLU C 210 -6.28 45.13 19.84
N GLU C 211 -6.12 46.20 19.05
CA GLU C 211 -7.12 47.26 18.95
C GLU C 211 -8.44 46.76 18.37
N MET C 212 -8.37 45.91 17.34
CA MET C 212 -9.56 45.31 16.74
C MET C 212 -10.33 44.49 17.78
N LEU C 213 -9.62 43.65 18.52
CA LEU C 213 -10.23 42.79 19.55
C LEU C 213 -10.84 43.59 20.69
N THR C 214 -10.15 44.65 21.10
CA THR C 214 -10.63 45.52 22.17
C THR C 214 -11.92 46.22 21.76
N ALA C 215 -11.92 46.80 20.55
CA ALA C 215 -13.09 47.53 20.05
C ALA C 215 -14.32 46.65 19.84
N CYS C 216 -14.12 45.41 19.38
CA CYS C 216 -15.24 44.51 19.06
C CYS C 216 -15.74 43.67 20.24
N GLN C 217 -15.10 43.78 21.39
CA GLN C 217 -15.58 43.12 22.60
C GLN C 217 -17.07 43.41 22.80
N GLY C 218 -17.87 42.36 23.00
CA GLY C 218 -19.30 42.52 23.26
C GLY C 218 -20.19 42.87 22.07
N VAL C 219 -19.61 43.29 20.94
CA VAL C 219 -20.40 43.67 19.77
C VAL C 219 -21.12 42.43 19.21
#